data_1U22
#
_entry.id   1U22
#
_cell.length_a   122.423
_cell.length_b   122.423
_cell.length_c   131.365
_cell.angle_alpha   90.00
_cell.angle_beta   90.00
_cell.angle_gamma   120.00
#
_symmetry.space_group_name_H-M   'P 65'
#
loop_
_entity.id
_entity.type
_entity.pdbx_description
1 polymer '5-methyltetrahydropteroyltriglutamate--homocysteine methyltransferase'
2 non-polymer 'ZINC ION'
3 non-polymer 'SULFATE ION'
4 non-polymer '2-AMINO-4-MERCAPTO-BUTYRIC ACID'
5 non-polymer (6S)-5,6,7,8-TETRAHYDROFOLATE
6 water water
#
_entity_poly.entity_id   1
_entity_poly.type   'polypeptide(L)'
_entity_poly.pdbx_seq_one_letter_code
;(MSE)ASHIVGYPR(MSE)GPKRELKFALESFWDGKSTAEDLQKVSADLRSSIWKQ(MSE)SAAGTKFIPSNTFAHYDQV
LDTTA(MSE)LGAVPPRYGYTGGEIGLDVYFS(MSE)ARGNASVPA(MSE)E(MSE)TKWFDTNYHYIVPELGPEVNFSY
ASHKAVNEYKEAKALGVDTVPVLVGPVSYLLLSKAAKGVDKSFELLSLLPKILPIYKEVITELKAAGATWIQLDEPVLV
(MSE)DLEGQKLQAFTGAYAELESTLSGLNVLVETYFADIPAEAYKTLTSLKGVTAFGFDLVRGTKTLDLVKAGFPEGKY
LFAGVVDGRNIWANDFAASLSTLQALEGIVGKDKLVVSTSCSLLHTAVDLINETKLDDEIKSW(MSE)AFAAQKVVEVNA
LAKALAGQKDEALFSANAAALASRRSSPRVTNEGVQKAAAALKGSDHRRATNVSARLDAQQKKLNLPILPTTTIGSFPQT
VELRRVRREYKAKKVSEEDYVKAIKEEIKKVVDLQEELDIDVLVHGEPERND(MSE)VEYFGEQLSGFAFTANGWVQSYG
SRCVKPPVIYGDVSRPKA(MSE)TVFWSA(MSE)AQS(MSE)TSRP(MSE)KG(MSE)LTGPVTILNWSFVRNDQPRHET
CYQIALAIKDEVEDLEKGGIGVIQIDEAALREGLPLRKSEHAFYLDWAVHSFRITNCGVQDSTQIHTH(MSE)CYSHFND
IIHSIID(MSE)DADVITIENSRSDEKLLSVFREGVKYGAGIGPGVYDIHSPRIPSSEEIADRVNK(MSE)LAVLEQNIL
WVNPDCGLKTRKYTEVKPALKN(MSE)VDAAKLIRSQLASAK
;
_entity_poly.pdbx_strand_id   A
#
loop_
_chem_comp.id
_chem_comp.type
_chem_comp.name
_chem_comp.formula
SO4 non-polymer 'SULFATE ION' 'O4 S -2'
THG non-polymer (6S)-5,6,7,8-TETRAHYDROFOLATE 'C19 H23 N7 O6'
ZN non-polymer 'ZINC ION' 'Zn 2'
#
# COMPACT_ATOMS: atom_id res chain seq x y z
N ALA A 2 -3.56 -25.79 -18.98
CA ALA A 2 -3.27 -25.94 -17.52
C ALA A 2 -3.55 -24.61 -16.80
N SER A 3 -3.86 -24.68 -15.51
CA SER A 3 -4.13 -23.48 -14.71
C SER A 3 -3.04 -23.29 -13.66
N HIS A 4 -2.92 -22.07 -13.14
CA HIS A 4 -1.89 -21.79 -12.16
C HIS A 4 -2.14 -20.51 -11.37
N ILE A 5 -2.03 -20.59 -10.04
CA ILE A 5 -2.21 -19.44 -9.15
C ILE A 5 -0.83 -19.10 -8.62
N VAL A 6 -0.39 -17.86 -8.79
CA VAL A 6 0.96 -17.48 -8.34
C VAL A 6 1.12 -17.32 -6.83
N GLY A 7 0.03 -17.15 -6.11
CA GLY A 7 0.12 -17.00 -4.68
C GLY A 7 -1.26 -16.93 -4.07
N TYR A 8 -1.36 -17.16 -2.76
CA TYR A 8 -2.65 -17.13 -2.07
C TYR A 8 -2.59 -16.41 -0.70
N PRO A 9 -3.71 -15.80 -0.30
CA PRO A 9 -3.77 -15.10 0.99
C PRO A 9 -3.42 -16.11 2.07
N ARG A 10 -2.85 -15.65 3.18
CA ARG A 10 -2.48 -16.56 4.26
C ARG A 10 -3.12 -16.22 5.60
N MSE A 11 -4.31 -15.62 5.57
CA MSE A 11 -4.99 -15.24 6.80
C MSE A 11 -6.23 -16.09 7.14
O MSE A 11 -6.48 -16.41 8.31
CB MSE A 11 -5.37 -13.76 6.73
CG MSE A 11 -5.16 -13.00 8.02
SE MSE A 11 -3.39 -12.25 8.28
CE MSE A 11 -2.41 -13.86 8.64
N GLY A 12 -6.99 -16.48 6.11
CA GLY A 12 -8.18 -17.28 6.31
C GLY A 12 -9.36 -16.55 5.69
N PRO A 13 -10.53 -17.19 5.53
CA PRO A 13 -11.68 -16.49 4.94
C PRO A 13 -12.25 -15.51 5.95
N LYS A 14 -12.13 -15.85 7.22
CA LYS A 14 -12.63 -15.02 8.29
C LYS A 14 -11.43 -14.62 9.16
N ARG A 15 -10.27 -14.49 8.51
CA ARG A 15 -9.04 -14.10 9.18
C ARG A 15 -8.70 -14.95 10.40
N GLU A 16 -8.71 -16.27 10.21
CA GLU A 16 -8.39 -17.22 11.28
C GLU A 16 -6.96 -17.07 11.82
N LEU A 17 -5.99 -16.93 10.93
CA LEU A 17 -4.59 -16.80 11.33
C LEU A 17 -4.33 -15.48 12.04
N LYS A 18 -5.19 -14.50 11.75
CA LYS A 18 -5.07 -13.16 12.34
C LYS A 18 -5.04 -13.23 13.85
N PHE A 19 -6.04 -13.93 14.40
CA PHE A 19 -6.20 -14.09 15.83
C PHE A 19 -5.33 -15.19 16.41
N ALA A 20 -5.08 -16.22 15.59
CA ALA A 20 -4.22 -17.31 16.00
C ALA A 20 -2.83 -16.71 16.19
N LEU A 21 -2.45 -15.82 15.28
CA LEU A 21 -1.13 -15.17 15.35
C LEU A 21 -1.02 -14.30 16.60
N GLU A 22 -1.91 -13.31 16.70
CA GLU A 22 -1.91 -12.40 17.83
C GLU A 22 -1.97 -13.25 19.10
N SER A 23 -2.90 -14.20 19.14
CA SER A 23 -3.07 -15.09 20.28
C SER A 23 -1.76 -15.64 20.84
N PHE A 24 -0.97 -16.30 20.00
CA PHE A 24 0.30 -16.84 20.45
C PHE A 24 1.12 -15.72 21.08
N TRP A 25 1.20 -14.58 20.40
CA TRP A 25 1.97 -13.44 20.92
C TRP A 25 1.39 -12.88 22.22
N ASP A 26 0.08 -13.13 22.43
CA ASP A 26 -0.58 -12.65 23.63
C ASP A 26 -0.07 -13.47 24.80
N GLY A 27 0.09 -14.77 24.57
CA GLY A 27 0.57 -15.66 25.61
C GLY A 27 -0.59 -16.52 26.09
N LYS A 28 -1.64 -16.56 25.28
CA LYS A 28 -2.83 -17.31 25.60
C LYS A 28 -3.03 -18.46 24.62
N SER A 29 -1.92 -19.07 24.23
CA SER A 29 -1.87 -20.19 23.30
C SER A 29 -0.40 -20.49 23.00
N THR A 30 -0.08 -21.73 22.63
CA THR A 30 1.30 -22.09 22.33
C THR A 30 1.55 -22.52 20.88
N ALA A 31 2.79 -22.92 20.60
CA ALA A 31 3.18 -23.37 19.28
C ALA A 31 2.16 -24.40 18.77
N GLU A 32 2.19 -25.58 19.37
CA GLU A 32 1.27 -26.66 19.01
C GLU A 32 -0.09 -26.21 18.50
N ASP A 33 -0.73 -25.31 19.24
CA ASP A 33 -2.05 -24.82 18.87
C ASP A 33 -2.03 -23.98 17.59
N LEU A 34 -1.06 -23.08 17.50
CA LEU A 34 -0.87 -22.20 16.35
C LEU A 34 -0.55 -23.03 15.12
N GLN A 35 0.36 -23.98 15.29
CA GLN A 35 0.79 -24.89 14.23
C GLN A 35 -0.43 -25.67 13.75
N LYS A 36 -1.28 -26.05 14.70
CA LYS A 36 -2.48 -26.80 14.41
C LYS A 36 -3.33 -25.98 13.45
N VAL A 37 -3.47 -24.69 13.76
CA VAL A 37 -4.26 -23.78 12.95
C VAL A 37 -3.65 -23.61 11.56
N SER A 38 -2.39 -23.16 11.52
CA SER A 38 -1.66 -22.92 10.27
C SER A 38 -1.77 -24.07 9.29
N ALA A 39 -1.41 -25.28 9.75
CA ALA A 39 -1.45 -26.50 8.94
C ALA A 39 -2.85 -26.79 8.46
N ASP A 40 -3.82 -26.51 9.33
CA ASP A 40 -5.20 -26.76 8.98
C ASP A 40 -5.63 -25.87 7.84
N LEU A 41 -5.31 -24.58 7.98
CA LEU A 41 -5.65 -23.57 6.98
C LEU A 41 -4.92 -23.91 5.68
N ARG A 42 -3.65 -24.27 5.81
CA ARG A 42 -2.81 -24.66 4.68
C ARG A 42 -3.50 -25.77 3.91
N SER A 43 -3.90 -26.83 4.62
CA SER A 43 -4.60 -27.97 3.99
C SER A 43 -5.84 -27.54 3.23
N SER A 44 -6.74 -26.84 3.91
CA SER A 44 -7.97 -26.34 3.34
C SER A 44 -7.78 -25.58 2.03
N ILE A 45 -6.64 -24.88 1.92
CA ILE A 45 -6.30 -24.09 0.72
C ILE A 45 -5.86 -24.97 -0.45
N TRP A 46 -4.93 -25.88 -0.20
CA TRP A 46 -4.48 -26.77 -1.24
C TRP A 46 -5.67 -27.55 -1.76
N LYS A 47 -6.42 -28.12 -0.81
CA LYS A 47 -7.61 -28.89 -1.13
C LYS A 47 -8.56 -28.04 -1.98
N GLN A 48 -8.85 -26.83 -1.51
CA GLN A 48 -9.73 -25.91 -2.19
C GLN A 48 -9.26 -25.61 -3.61
N MSE A 49 -7.95 -25.44 -3.76
CA MSE A 49 -7.32 -25.14 -5.04
C MSE A 49 -7.35 -26.22 -6.10
O MSE A 49 -7.67 -25.98 -7.26
CB MSE A 49 -5.87 -24.69 -4.83
CG MSE A 49 -5.73 -23.24 -4.35
SE MSE A 49 -4.14 -22.40 -5.03
CE MSE A 49 -3.17 -22.24 -3.38
N SER A 50 -6.96 -27.44 -5.71
CA SER A 50 -6.93 -28.60 -6.61
C SER A 50 -8.33 -28.98 -7.08
N ALA A 51 -9.25 -29.11 -6.11
CA ALA A 51 -10.62 -29.47 -6.38
C ALA A 51 -11.27 -28.57 -7.44
N ALA A 52 -10.65 -27.43 -7.73
CA ALA A 52 -11.19 -26.52 -8.74
C ALA A 52 -10.57 -26.82 -10.08
N GLY A 53 -9.57 -27.70 -10.09
CA GLY A 53 -8.91 -28.08 -11.32
C GLY A 53 -7.52 -27.49 -11.45
N THR A 54 -7.16 -26.64 -10.49
CA THR A 54 -5.87 -25.96 -10.48
C THR A 54 -4.74 -26.92 -10.76
N LYS A 55 -4.11 -26.74 -11.92
CA LYS A 55 -3.00 -27.56 -12.38
C LYS A 55 -1.70 -27.31 -11.61
N PHE A 56 -1.30 -26.05 -11.53
CA PHE A 56 -0.09 -25.69 -10.80
C PHE A 56 -0.52 -24.99 -9.54
N ILE A 57 -0.51 -25.75 -8.45
CA ILE A 57 -0.90 -25.27 -7.13
C ILE A 57 0.39 -24.97 -6.39
N PRO A 58 0.54 -23.73 -5.90
CA PRO A 58 1.75 -23.32 -5.19
C PRO A 58 1.75 -23.69 -3.71
N SER A 59 2.94 -24.03 -3.21
CA SER A 59 3.09 -24.31 -1.81
C SER A 59 4.22 -23.36 -1.39
N ASN A 60 4.20 -22.97 -0.13
CA ASN A 60 5.18 -22.06 0.44
C ASN A 60 4.77 -20.59 0.26
N THR A 61 3.53 -20.35 -0.14
CA THR A 61 3.03 -18.98 -0.25
C THR A 61 2.54 -18.62 1.13
N PHE A 62 2.18 -19.63 1.91
CA PHE A 62 1.73 -19.40 3.26
C PHE A 62 2.91 -18.86 4.03
N ALA A 63 2.66 -17.94 4.94
CA ALA A 63 3.74 -17.37 5.74
C ALA A 63 3.17 -17.02 7.09
N HIS A 64 4.00 -17.11 8.13
CA HIS A 64 3.54 -16.76 9.46
C HIS A 64 3.57 -15.23 9.64
N TYR A 65 4.15 -14.52 8.68
CA TYR A 65 4.25 -13.06 8.77
C TYR A 65 4.59 -12.40 7.43
N ASP A 66 5.69 -12.85 6.82
CA ASP A 66 6.17 -12.33 5.54
C ASP A 66 6.87 -13.40 4.72
N GLN A 67 6.99 -13.18 3.41
CA GLN A 67 7.65 -14.12 2.51
C GLN A 67 9.15 -13.88 2.46
N VAL A 68 9.54 -12.60 2.43
CA VAL A 68 10.95 -12.23 2.40
C VAL A 68 11.65 -12.63 3.71
N LEU A 69 10.87 -12.79 4.78
CA LEU A 69 11.39 -13.20 6.10
C LEU A 69 11.49 -14.71 6.01
N ASP A 70 10.47 -15.29 5.40
CA ASP A 70 10.43 -16.74 5.23
C ASP A 70 11.72 -17.11 4.55
N THR A 71 12.17 -16.28 3.62
CA THR A 71 13.41 -16.57 2.92
C THR A 71 14.64 -16.10 3.73
N THR A 72 14.47 -15.11 4.59
CA THR A 72 15.57 -14.63 5.43
C THR A 72 15.96 -15.75 6.40
N ALA A 73 14.97 -16.51 6.83
CA ALA A 73 15.19 -17.62 7.75
C ALA A 73 15.72 -18.83 6.98
N MSE A 74 15.39 -18.90 5.69
CA MSE A 74 15.85 -19.99 4.83
C MSE A 74 17.35 -19.86 4.63
O MSE A 74 18.05 -20.86 4.46
CB MSE A 74 15.14 -19.93 3.47
CG MSE A 74 15.34 -21.17 2.61
SE MSE A 74 14.96 -20.85 0.74
CE MSE A 74 13.13 -20.30 0.94
N LEU A 75 17.84 -18.63 4.64
CA LEU A 75 19.25 -18.41 4.45
C LEU A 75 19.96 -18.20 5.77
N GLY A 76 19.23 -18.39 6.87
CA GLY A 76 19.82 -18.21 8.17
C GLY A 76 20.41 -16.81 8.30
N ALA A 77 19.91 -15.91 7.46
CA ALA A 77 20.38 -14.54 7.47
C ALA A 77 19.71 -13.76 8.60
N VAL A 78 19.92 -14.24 9.84
CA VAL A 78 19.35 -13.57 11.00
C VAL A 78 20.35 -12.56 11.58
N PRO A 79 19.86 -11.37 11.95
CA PRO A 79 20.67 -10.29 12.53
C PRO A 79 21.27 -10.64 13.89
N PRO A 80 22.48 -10.11 14.18
CA PRO A 80 23.25 -10.31 15.42
C PRO A 80 22.48 -10.10 16.72
N ARG A 81 21.89 -8.92 16.87
CA ARG A 81 21.15 -8.54 18.06
C ARG A 81 20.06 -9.52 18.50
N TYR A 82 19.83 -10.55 17.69
CA TYR A 82 18.81 -11.53 18.01
C TYR A 82 19.39 -12.74 18.70
N GLY A 83 20.72 -12.88 18.62
CA GLY A 83 21.41 -13.98 19.27
C GLY A 83 21.13 -15.37 18.75
N TYR A 84 21.18 -15.53 17.44
CA TYR A 84 20.97 -16.83 16.83
C TYR A 84 22.32 -17.53 16.83
N THR A 85 22.31 -18.80 17.22
CA THR A 85 23.55 -19.55 17.29
C THR A 85 23.63 -20.59 16.17
N GLY A 86 22.49 -20.92 15.58
CA GLY A 86 22.51 -21.90 14.52
C GLY A 86 21.43 -22.95 14.73
N GLY A 87 21.20 -23.77 13.71
CA GLY A 87 20.19 -24.81 13.78
C GLY A 87 18.88 -24.42 13.12
N GLU A 88 17.85 -25.24 13.27
CA GLU A 88 16.57 -24.95 12.66
C GLU A 88 15.82 -23.80 13.35
N ILE A 89 15.66 -22.69 12.61
CA ILE A 89 14.98 -21.48 13.09
C ILE A 89 13.48 -21.67 13.33
N GLY A 90 13.08 -21.58 14.60
CA GLY A 90 11.68 -21.73 14.99
C GLY A 90 10.97 -20.45 15.41
N LEU A 91 9.69 -20.60 15.74
CA LEU A 91 8.85 -19.47 16.13
C LEU A 91 9.52 -18.40 17.00
N ASP A 92 10.53 -18.79 17.75
CA ASP A 92 11.22 -17.83 18.61
C ASP A 92 11.91 -16.77 17.80
N VAL A 93 12.99 -17.19 17.15
CA VAL A 93 13.79 -16.31 16.32
C VAL A 93 12.97 -15.68 15.19
N TYR A 94 12.04 -16.45 14.63
CA TYR A 94 11.23 -15.95 13.53
C TYR A 94 10.41 -14.76 13.97
N PHE A 95 9.56 -14.95 14.96
CA PHE A 95 8.70 -13.85 15.43
C PHE A 95 9.46 -12.73 16.09
N SER A 96 10.71 -13.00 16.43
CA SER A 96 11.53 -11.96 17.02
C SER A 96 11.71 -10.97 15.89
N MSE A 97 12.51 -11.35 14.90
CA MSE A 97 12.77 -10.52 13.74
C MSE A 97 11.46 -9.85 13.31
O MSE A 97 11.43 -8.65 13.07
CB MSE A 97 13.29 -11.37 12.59
CG MSE A 97 14.61 -12.05 12.87
SE MSE A 97 15.36 -12.86 11.29
CE MSE A 97 14.18 -14.38 11.14
N ALA A 98 10.40 -10.64 13.23
CA ALA A 98 9.10 -10.14 12.82
C ALA A 98 8.55 -8.98 13.64
N ARG A 99 8.38 -9.20 14.95
CA ARG A 99 7.83 -8.14 15.80
C ARG A 99 8.64 -7.76 17.06
N GLY A 100 9.93 -8.09 17.07
CA GLY A 100 10.77 -7.78 18.20
C GLY A 100 10.27 -8.30 19.54
N ASN A 101 11.14 -8.23 20.54
CA ASN A 101 10.77 -8.67 21.88
C ASN A 101 10.98 -7.51 22.87
N ALA A 102 10.92 -7.81 24.16
CA ALA A 102 11.06 -6.80 25.17
C ALA A 102 12.49 -6.49 25.59
N SER A 103 13.43 -6.53 24.66
CA SER A 103 14.84 -6.22 24.95
C SER A 103 15.61 -5.88 23.66
N VAL A 104 15.01 -6.22 22.53
CA VAL A 104 15.60 -5.98 21.23
C VAL A 104 14.49 -5.47 20.33
N PRO A 105 14.82 -4.62 19.36
CA PRO A 105 13.82 -4.09 18.43
C PRO A 105 13.57 -5.07 17.29
N ALA A 106 12.46 -4.89 16.59
CA ALA A 106 12.13 -5.72 15.45
C ALA A 106 12.73 -5.08 14.19
N MSE A 107 12.93 -5.89 13.15
CA MSE A 107 13.50 -5.38 11.90
C MSE A 107 12.61 -4.38 11.18
O MSE A 107 11.42 -4.30 11.45
CB MSE A 107 13.82 -6.55 10.97
CG MSE A 107 14.93 -7.44 11.46
SE MSE A 107 15.06 -9.02 10.41
CE MSE A 107 16.54 -8.53 9.26
N GLU A 108 13.19 -3.61 10.27
CA GLU A 108 12.48 -2.59 9.50
C GLU A 108 11.65 -3.15 8.37
N MSE A 109 10.43 -2.65 8.22
CA MSE A 109 9.54 -3.10 7.15
C MSE A 109 9.30 -1.97 6.15
O MSE A 109 9.13 -0.81 6.54
CB MSE A 109 8.20 -3.56 7.72
CG MSE A 109 7.27 -2.43 8.10
SE MSE A 109 5.56 -3.09 8.61
CE MSE A 109 5.97 -3.47 10.47
N THR A 110 9.25 -2.30 4.87
CA THR A 110 9.00 -1.29 3.87
C THR A 110 7.92 -1.79 2.93
N LYS A 111 7.49 -0.97 1.97
CA LYS A 111 6.42 -1.39 1.06
C LYS A 111 6.85 -2.45 0.05
N TRP A 112 5.90 -3.30 -0.32
CA TRP A 112 6.14 -4.35 -1.29
C TRP A 112 5.92 -3.75 -2.68
N PHE A 113 7.01 -3.44 -3.38
CA PHE A 113 6.90 -2.85 -4.70
C PHE A 113 5.91 -1.72 -4.60
N ASP A 114 4.89 -1.67 -5.46
CA ASP A 114 3.91 -0.58 -5.39
C ASP A 114 2.58 -1.05 -4.82
N THR A 115 2.63 -2.02 -3.90
CA THR A 115 1.42 -2.58 -3.30
C THR A 115 1.15 -1.97 -1.94
N ASN A 116 0.01 -2.34 -1.36
CA ASN A 116 -0.36 -1.83 -0.05
C ASN A 116 0.13 -2.82 1.00
N TYR A 117 1.07 -3.66 0.58
CA TYR A 117 1.67 -4.68 1.45
C TYR A 117 3.10 -4.28 1.80
N HIS A 118 3.52 -4.62 3.01
CA HIS A 118 4.85 -4.28 3.46
C HIS A 118 5.60 -5.54 3.85
N TYR A 119 6.86 -5.63 3.45
CA TYR A 119 7.65 -6.80 3.75
C TYR A 119 8.74 -6.46 4.72
N ILE A 120 9.38 -7.48 5.29
CA ILE A 120 10.46 -7.25 6.23
C ILE A 120 11.82 -7.29 5.52
N VAL A 121 12.29 -6.11 5.14
CA VAL A 121 13.56 -5.91 4.47
C VAL A 121 14.69 -6.64 5.21
N PRO A 122 15.48 -7.46 4.49
CA PRO A 122 16.58 -8.16 5.18
C PRO A 122 17.75 -7.19 5.43
N GLU A 123 18.55 -7.50 6.44
CA GLU A 123 19.72 -6.68 6.76
C GLU A 123 20.92 -7.51 6.39
N LEU A 124 21.55 -7.18 5.27
CA LEU A 124 22.70 -7.95 4.81
C LEU A 124 24.02 -7.20 4.85
N GLY A 125 25.10 -7.95 4.76
CA GLY A 125 26.44 -7.40 4.79
C GLY A 125 27.46 -8.50 4.58
N PRO A 126 28.75 -8.14 4.47
CA PRO A 126 29.86 -9.08 4.26
C PRO A 126 30.19 -10.02 5.41
N GLU A 127 29.58 -9.78 6.58
CA GLU A 127 29.92 -10.61 7.74
C GLU A 127 28.84 -11.57 8.24
N VAL A 128 27.75 -11.67 7.51
CA VAL A 128 26.67 -12.58 7.90
C VAL A 128 27.01 -14.00 7.43
N ASN A 129 26.81 -14.97 8.33
CA ASN A 129 27.08 -16.37 8.01
C ASN A 129 25.78 -17.07 7.61
N PHE A 130 25.55 -17.14 6.29
CA PHE A 130 24.37 -17.77 5.71
C PHE A 130 24.35 -19.29 5.93
N SER A 131 23.16 -19.85 6.19
CA SER A 131 23.02 -21.28 6.39
C SER A 131 21.59 -21.74 6.16
N TYR A 132 21.41 -23.01 5.85
CA TYR A 132 20.09 -23.59 5.63
C TYR A 132 19.46 -23.64 7.01
N ALA A 133 18.71 -22.60 7.35
CA ALA A 133 18.09 -22.50 8.65
C ALA A 133 16.58 -22.71 8.75
N SER A 134 15.91 -23.04 7.65
CA SER A 134 14.47 -23.26 7.72
C SER A 134 13.95 -24.09 6.56
N HIS A 135 13.49 -25.29 6.88
CA HIS A 135 12.97 -26.22 5.89
C HIS A 135 11.49 -26.01 5.63
N LYS A 136 11.04 -24.76 5.69
CA LYS A 136 9.62 -24.46 5.46
C LYS A 136 9.13 -24.92 4.09
N ALA A 137 9.94 -24.65 3.06
CA ALA A 137 9.64 -25.00 1.68
C ALA A 137 9.44 -26.48 1.52
N VAL A 138 10.53 -27.23 1.64
CA VAL A 138 10.50 -28.68 1.51
C VAL A 138 9.46 -29.29 2.46
N ASN A 139 9.42 -28.80 3.70
CA ASN A 139 8.44 -29.28 4.68
C ASN A 139 7.04 -29.16 4.13
N GLU A 140 6.66 -27.96 3.72
CA GLU A 140 5.34 -27.73 3.17
C GLU A 140 5.07 -28.51 1.92
N TYR A 141 6.09 -28.75 1.11
CA TYR A 141 5.88 -29.52 -0.11
C TYR A 141 5.39 -30.91 0.24
N LYS A 142 6.10 -31.54 1.16
CA LYS A 142 5.77 -32.88 1.62
C LYS A 142 4.35 -32.92 2.24
N GLU A 143 4.08 -31.98 3.14
CA GLU A 143 2.78 -31.88 3.81
C GLU A 143 1.68 -31.96 2.75
N ALA A 144 1.82 -31.15 1.70
CA ALA A 144 0.83 -31.13 0.62
C ALA A 144 0.78 -32.43 -0.17
N LYS A 145 1.93 -33.07 -0.37
CA LYS A 145 1.98 -34.31 -1.12
C LYS A 145 1.31 -35.44 -0.32
N ALA A 146 1.59 -35.46 0.98
CA ALA A 146 1.02 -36.47 1.86
C ALA A 146 -0.49 -36.33 1.94
N LEU A 147 -1.00 -35.15 1.59
CA LEU A 147 -2.43 -34.89 1.61
C LEU A 147 -3.06 -35.25 0.28
N GLY A 148 -2.25 -35.66 -0.67
CA GLY A 148 -2.79 -36.05 -1.97
C GLY A 148 -2.72 -35.01 -3.06
N VAL A 149 -2.08 -33.88 -2.77
CA VAL A 149 -1.95 -32.81 -3.75
C VAL A 149 -0.46 -32.45 -3.97
N ASP A 150 -0.09 -32.34 -5.24
CA ASP A 150 1.28 -32.00 -5.68
C ASP A 150 1.38 -30.48 -5.87
N THR A 151 2.37 -29.85 -5.25
CA THR A 151 2.52 -28.40 -5.37
C THR A 151 3.83 -27.92 -5.99
N VAL A 152 3.86 -26.61 -6.30
CA VAL A 152 5.02 -25.93 -6.89
C VAL A 152 5.60 -25.02 -5.83
N PRO A 153 6.74 -25.39 -5.27
CA PRO A 153 7.35 -24.54 -4.23
C PRO A 153 7.67 -23.16 -4.79
N VAL A 154 7.19 -22.11 -4.14
CA VAL A 154 7.47 -20.77 -4.59
C VAL A 154 8.56 -20.19 -3.75
N LEU A 155 9.67 -19.81 -4.38
CA LEU A 155 10.80 -19.22 -3.68
C LEU A 155 11.08 -17.83 -4.23
N VAL A 156 11.54 -16.94 -3.36
CA VAL A 156 11.89 -15.61 -3.80
C VAL A 156 13.25 -15.71 -4.48
N GLY A 157 13.31 -15.24 -5.71
CA GLY A 157 14.54 -15.28 -6.47
C GLY A 157 15.77 -14.84 -5.70
N PRO A 158 16.90 -15.53 -5.87
CA PRO A 158 18.13 -15.17 -5.16
C PRO A 158 18.54 -13.71 -5.35
N VAL A 159 18.56 -13.26 -6.60
CA VAL A 159 18.95 -11.90 -6.87
C VAL A 159 17.89 -10.86 -6.50
N SER A 160 16.60 -11.16 -6.70
CA SER A 160 15.58 -10.19 -6.30
C SER A 160 15.74 -10.05 -4.81
N TYR A 161 15.97 -11.18 -4.15
CA TYR A 161 16.13 -11.19 -2.71
C TYR A 161 17.22 -10.21 -2.30
N LEU A 162 18.39 -10.31 -2.91
CA LEU A 162 19.50 -9.41 -2.58
C LEU A 162 19.19 -7.96 -2.91
N LEU A 163 18.58 -7.71 -4.07
CA LEU A 163 18.24 -6.35 -4.47
C LEU A 163 17.23 -5.75 -3.51
N LEU A 164 16.27 -6.56 -3.06
CA LEU A 164 15.23 -6.07 -2.13
C LEU A 164 15.76 -5.87 -0.72
N SER A 165 16.93 -6.42 -0.44
CA SER A 165 17.56 -6.33 0.87
C SER A 165 18.24 -4.99 1.11
N LYS A 166 18.96 -4.89 2.22
CA LYS A 166 19.67 -3.66 2.59
C LYS A 166 20.90 -3.98 3.46
N ALA A 167 21.98 -3.23 3.26
CA ALA A 167 23.21 -3.45 4.03
C ALA A 167 23.08 -2.88 5.43
N ALA A 168 23.21 -3.75 6.44
CA ALA A 168 23.10 -3.34 7.84
C ALA A 168 24.23 -2.43 8.30
N LYS A 169 23.98 -1.67 9.36
CA LYS A 169 24.95 -0.72 9.92
C LYS A 169 26.39 -1.17 9.87
N GLY A 170 27.29 -0.23 9.63
CA GLY A 170 28.70 -0.56 9.57
C GLY A 170 29.11 -0.83 8.14
N VAL A 171 28.48 -1.83 7.52
CA VAL A 171 28.76 -2.17 6.14
C VAL A 171 29.00 -0.88 5.37
N ASP A 172 30.25 -0.62 5.02
CA ASP A 172 30.58 0.61 4.31
C ASP A 172 29.66 0.85 3.12
N LYS A 173 29.42 2.13 2.87
CA LYS A 173 28.57 2.63 1.80
C LYS A 173 28.74 1.96 0.43
N SER A 174 30.00 1.72 0.06
CA SER A 174 30.34 1.13 -1.24
C SER A 174 30.13 -0.37 -1.44
N PHE A 175 29.76 -1.08 -0.37
CA PHE A 175 29.53 -2.52 -0.46
C PHE A 175 28.31 -2.78 -1.33
N GLU A 176 28.46 -3.70 -2.27
CA GLU A 176 27.36 -4.05 -3.16
C GLU A 176 26.68 -5.30 -2.65
N LEU A 177 25.38 -5.22 -2.45
CA LEU A 177 24.60 -6.35 -1.97
C LEU A 177 24.69 -7.55 -2.89
N LEU A 178 24.69 -7.30 -4.20
CA LEU A 178 24.76 -8.39 -5.16
C LEU A 178 26.08 -9.18 -5.05
N SER A 179 26.97 -8.72 -4.17
CA SER A 179 28.25 -9.39 -3.96
C SER A 179 28.11 -10.62 -3.06
N LEU A 180 26.88 -10.88 -2.65
CA LEU A 180 26.58 -12.01 -1.80
C LEU A 180 25.94 -13.18 -2.59
N LEU A 181 25.69 -12.97 -3.89
CA LEU A 181 25.11 -14.03 -4.70
C LEU A 181 25.89 -15.31 -4.48
N PRO A 182 27.18 -15.18 -4.19
CA PRO A 182 27.96 -16.39 -3.96
C PRO A 182 27.67 -17.12 -2.65
N LYS A 183 27.36 -16.40 -1.57
CA LYS A 183 27.11 -17.05 -0.28
C LYS A 183 25.68 -17.58 -0.11
N ILE A 184 24.75 -17.02 -0.87
CA ILE A 184 23.36 -17.43 -0.76
C ILE A 184 22.95 -18.50 -1.78
N LEU A 185 23.54 -18.44 -2.96
CA LEU A 185 23.24 -19.40 -4.03
C LEU A 185 23.48 -20.88 -3.63
N PRO A 186 24.53 -21.16 -2.86
CA PRO A 186 24.80 -22.53 -2.45
C PRO A 186 23.62 -23.09 -1.67
N ILE A 187 23.03 -22.24 -0.86
CA ILE A 187 21.88 -22.59 -0.01
C ILE A 187 20.63 -22.81 -0.86
N TYR A 188 20.45 -21.98 -1.87
CA TYR A 188 19.31 -22.14 -2.75
C TYR A 188 19.42 -23.53 -3.35
N LYS A 189 20.64 -23.92 -3.68
CA LYS A 189 20.89 -25.22 -4.26
C LYS A 189 20.44 -26.33 -3.34
N GLU A 190 20.91 -26.29 -2.09
CA GLU A 190 20.54 -27.33 -1.12
C GLU A 190 19.02 -27.42 -1.02
N VAL A 191 18.36 -26.27 -0.93
CA VAL A 191 16.91 -26.24 -0.86
C VAL A 191 16.32 -26.87 -2.13
N ILE A 192 16.74 -26.38 -3.30
CA ILE A 192 16.25 -26.90 -4.58
C ILE A 192 16.54 -28.40 -4.77
N THR A 193 17.57 -28.87 -4.09
CA THR A 193 17.96 -30.27 -4.16
C THR A 193 17.00 -31.13 -3.36
N GLU A 194 16.69 -30.69 -2.14
CA GLU A 194 15.76 -31.41 -1.27
C GLU A 194 14.34 -31.49 -1.87
N LEU A 195 13.95 -30.48 -2.63
CA LEU A 195 12.65 -30.49 -3.26
C LEU A 195 12.65 -31.53 -4.37
N LYS A 196 13.70 -31.54 -5.20
CA LYS A 196 13.77 -32.53 -6.27
C LYS A 196 13.68 -33.88 -5.58
N ALA A 197 14.41 -33.99 -4.48
CA ALA A 197 14.47 -35.21 -3.67
C ALA A 197 13.13 -35.68 -3.10
N ALA A 198 12.26 -34.75 -2.77
CA ALA A 198 10.97 -35.12 -2.20
C ALA A 198 9.93 -35.36 -3.29
N GLY A 199 10.29 -35.12 -4.55
CA GLY A 199 9.37 -35.36 -5.63
C GLY A 199 9.03 -34.20 -6.55
N ALA A 200 9.25 -32.96 -6.09
CA ALA A 200 8.94 -31.78 -6.89
C ALA A 200 9.43 -31.92 -8.33
N THR A 201 8.55 -31.60 -9.28
CA THR A 201 8.87 -31.67 -10.70
C THR A 201 8.80 -30.29 -11.33
N TRP A 202 8.49 -29.30 -10.47
CA TRP A 202 8.40 -27.90 -10.86
C TRP A 202 8.75 -27.05 -9.66
N ILE A 203 9.33 -25.90 -9.91
CA ILE A 203 9.68 -24.97 -8.84
C ILE A 203 9.33 -23.57 -9.35
N GLN A 204 9.34 -22.58 -8.48
CA GLN A 204 9.01 -21.23 -8.89
C GLN A 204 9.83 -20.20 -8.16
N LEU A 205 10.71 -19.53 -8.90
CA LEU A 205 11.53 -18.48 -8.32
C LEU A 205 10.83 -17.17 -8.66
N ASP A 206 10.48 -16.42 -7.63
CA ASP A 206 9.83 -15.13 -7.82
C ASP A 206 10.90 -14.06 -7.97
N GLU A 207 11.04 -13.55 -9.19
CA GLU A 207 12.03 -12.51 -9.48
C GLU A 207 11.29 -11.27 -9.96
N PRO A 208 10.46 -10.67 -9.10
CA PRO A 208 9.69 -9.48 -9.46
C PRO A 208 10.52 -8.26 -9.82
N VAL A 209 11.71 -8.14 -9.24
CA VAL A 209 12.59 -7.00 -9.48
C VAL A 209 12.99 -6.84 -10.96
N LEU A 210 12.73 -7.85 -11.77
CA LEU A 210 13.04 -7.76 -13.19
C LEU A 210 12.06 -6.81 -13.87
N VAL A 211 11.02 -6.40 -13.16
CA VAL A 211 10.05 -5.49 -13.74
C VAL A 211 10.43 -4.05 -13.38
N MSE A 212 11.52 -3.93 -12.63
CA MSE A 212 12.01 -2.64 -12.20
C MSE A 212 12.99 -2.08 -13.22
O MSE A 212 13.41 -2.80 -14.13
CB MSE A 212 12.70 -2.78 -10.85
CG MSE A 212 11.78 -3.25 -9.75
SE MSE A 212 10.46 -1.93 -9.31
CE MSE A 212 9.14 -2.49 -10.57
N ASP A 213 13.32 -0.81 -13.09
CA ASP A 213 14.28 -0.22 -14.02
C ASP A 213 15.60 -0.65 -13.44
N LEU A 214 16.22 -1.59 -14.14
CA LEU A 214 17.47 -2.18 -13.72
C LEU A 214 18.54 -1.82 -14.71
N GLU A 215 19.74 -1.55 -14.20
CA GLU A 215 20.91 -1.21 -15.03
C GLU A 215 21.44 -2.53 -15.62
N GLY A 216 22.10 -2.44 -16.77
CA GLY A 216 22.63 -3.64 -17.42
C GLY A 216 23.52 -4.50 -16.53
N GLN A 217 24.18 -3.86 -15.59
CA GLN A 217 25.08 -4.57 -14.68
C GLN A 217 24.27 -5.42 -13.70
N LYS A 218 23.07 -4.97 -13.35
CA LYS A 218 22.22 -5.73 -12.44
C LYS A 218 21.53 -6.83 -13.22
N LEU A 219 21.01 -6.49 -14.40
CA LEU A 219 20.35 -7.49 -15.24
C LEU A 219 21.32 -8.64 -15.45
N GLN A 220 22.58 -8.29 -15.62
CA GLN A 220 23.63 -9.29 -15.83
C GLN A 220 23.80 -10.13 -14.58
N ALA A 221 23.40 -9.58 -13.43
CA ALA A 221 23.50 -10.30 -12.15
C ALA A 221 22.56 -11.49 -12.13
N PHE A 222 21.42 -11.34 -12.81
CA PHE A 222 20.45 -12.41 -12.91
C PHE A 222 21.06 -13.57 -13.67
N THR A 223 21.67 -13.24 -14.81
CA THR A 223 22.32 -14.20 -15.71
C THR A 223 23.37 -15.10 -15.00
N GLY A 224 24.17 -14.52 -14.12
CA GLY A 224 25.19 -15.30 -13.43
C GLY A 224 24.62 -16.24 -12.40
N ALA A 225 23.47 -15.89 -11.85
CA ALA A 225 22.83 -16.72 -10.84
C ALA A 225 22.30 -18.00 -11.47
N TYR A 226 21.41 -17.86 -12.44
CA TYR A 226 20.81 -19.00 -13.10
C TYR A 226 21.82 -19.85 -13.87
N ALA A 227 22.96 -19.25 -14.20
CA ALA A 227 24.01 -19.98 -14.88
C ALA A 227 24.49 -20.96 -13.84
N GLU A 228 24.88 -20.41 -12.70
CA GLU A 228 25.37 -21.17 -11.56
C GLU A 228 24.32 -22.13 -10.99
N LEU A 229 23.06 -21.92 -11.35
CA LEU A 229 21.97 -22.77 -10.85
C LEU A 229 21.63 -23.93 -11.79
N GLU A 230 21.85 -23.72 -13.08
CA GLU A 230 21.54 -24.70 -14.11
C GLU A 230 21.71 -26.18 -13.73
N SER A 231 22.90 -26.57 -13.28
CA SER A 231 23.14 -27.97 -12.92
C SER A 231 22.16 -28.53 -11.91
N THR A 232 21.88 -27.76 -10.86
CA THR A 232 20.96 -28.19 -9.80
C THR A 232 19.51 -28.22 -10.29
N LEU A 233 19.25 -27.48 -11.37
CA LEU A 233 17.93 -27.38 -12.00
C LEU A 233 17.67 -28.48 -13.03
N SER A 234 18.70 -29.28 -13.31
CA SER A 234 18.58 -30.35 -14.28
C SER A 234 17.37 -31.16 -13.94
N GLY A 235 16.63 -31.56 -14.98
CA GLY A 235 15.43 -32.33 -14.77
C GLY A 235 14.59 -31.61 -13.74
N LEU A 236 13.79 -30.64 -14.20
CA LEU A 236 12.95 -29.84 -13.31
C LEU A 236 12.51 -28.61 -14.08
N ASN A 237 11.20 -28.36 -14.12
CA ASN A 237 10.68 -27.19 -14.80
C ASN A 237 10.79 -26.00 -13.85
N VAL A 238 11.38 -24.93 -14.34
CA VAL A 238 11.58 -23.75 -13.53
C VAL A 238 10.78 -22.58 -14.08
N LEU A 239 9.80 -22.15 -13.28
CA LEU A 239 8.96 -21.03 -13.65
C LEU A 239 9.47 -19.80 -12.93
N VAL A 240 9.92 -18.80 -13.69
CA VAL A 240 10.37 -17.56 -13.09
C VAL A 240 9.20 -16.56 -13.19
N GLU A 241 8.70 -16.12 -12.03
CA GLU A 241 7.59 -15.17 -11.99
C GLU A 241 8.03 -13.72 -11.91
N THR A 242 7.24 -12.85 -12.54
CA THR A 242 7.46 -11.42 -12.52
C THR A 242 6.05 -10.84 -12.46
N TYR A 243 5.87 -9.73 -11.74
CA TYR A 243 4.55 -9.13 -11.63
C TYR A 243 4.52 -7.68 -11.16
N PHE A 244 3.37 -7.03 -11.39
CA PHE A 244 3.08 -5.63 -11.03
C PHE A 244 3.36 -4.63 -12.15
N ALA A 245 4.12 -5.05 -13.16
CA ALA A 245 4.42 -4.17 -14.28
C ALA A 245 4.88 -4.95 -15.51
N ASP A 246 5.12 -4.24 -16.62
CA ASP A 246 5.59 -4.83 -17.87
C ASP A 246 7.11 -4.99 -17.76
N ILE A 247 7.68 -5.90 -18.53
CA ILE A 247 9.13 -6.12 -18.49
C ILE A 247 9.87 -5.24 -19.52
N PRO A 248 10.93 -4.51 -19.07
CA PRO A 248 11.69 -3.66 -19.98
C PRO A 248 12.29 -4.54 -21.06
N ALA A 249 12.48 -4.00 -22.27
CA ALA A 249 13.04 -4.79 -23.36
C ALA A 249 14.36 -5.43 -22.99
N GLU A 250 15.18 -4.74 -22.20
CA GLU A 250 16.45 -5.32 -21.79
C GLU A 250 16.20 -6.49 -20.87
N ALA A 251 15.38 -6.25 -19.84
CA ALA A 251 15.06 -7.29 -18.86
C ALA A 251 14.43 -8.49 -19.55
N TYR A 252 13.74 -8.25 -20.66
CA TYR A 252 13.10 -9.33 -21.39
C TYR A 252 14.18 -10.22 -22.00
N LYS A 253 15.28 -9.64 -22.47
CA LYS A 253 16.36 -10.41 -23.05
C LYS A 253 16.96 -11.34 -22.01
N THR A 254 17.44 -10.74 -20.93
CA THR A 254 18.04 -11.46 -19.81
C THR A 254 17.16 -12.61 -19.33
N LEU A 255 15.87 -12.32 -19.14
CA LEU A 255 14.88 -13.28 -18.67
C LEU A 255 14.77 -14.48 -19.59
N THR A 256 14.22 -14.25 -20.77
CA THR A 256 14.01 -15.31 -21.77
C THR A 256 15.24 -16.05 -22.22
N SER A 257 16.37 -15.80 -21.55
CA SER A 257 17.61 -16.48 -21.89
C SER A 257 18.35 -16.91 -20.62
N LEU A 258 17.61 -16.98 -19.52
CA LEU A 258 18.20 -17.41 -18.25
C LEU A 258 18.31 -18.93 -18.35
N LYS A 259 19.28 -19.51 -17.64
CA LYS A 259 19.50 -20.96 -17.68
C LYS A 259 18.57 -21.78 -16.81
N GLY A 260 18.23 -22.97 -17.29
CA GLY A 260 17.37 -23.85 -16.53
C GLY A 260 15.93 -23.39 -16.45
N VAL A 261 15.71 -22.10 -16.66
CA VAL A 261 14.35 -21.59 -16.61
C VAL A 261 13.65 -22.13 -17.84
N THR A 262 12.49 -22.74 -17.61
CA THR A 262 11.73 -23.33 -18.70
C THR A 262 10.37 -22.66 -18.89
N ALA A 263 9.97 -21.84 -17.92
CA ALA A 263 8.69 -21.14 -17.98
C ALA A 263 8.89 -19.69 -17.57
N PHE A 264 7.97 -18.83 -17.96
CA PHE A 264 8.05 -17.42 -17.65
C PHE A 264 6.70 -16.85 -17.26
N GLY A 265 6.63 -16.24 -16.08
CA GLY A 265 5.37 -15.67 -15.63
C GLY A 265 5.21 -14.19 -15.88
N PHE A 266 4.22 -13.83 -16.68
CA PHE A 266 3.99 -12.42 -16.98
C PHE A 266 2.70 -11.89 -16.43
N ASP A 267 2.79 -10.68 -15.85
CA ASP A 267 1.64 -9.99 -15.32
C ASP A 267 1.08 -9.27 -16.55
N LEU A 268 0.00 -9.81 -17.13
CA LEU A 268 -0.59 -9.25 -18.33
C LEU A 268 -1.81 -8.39 -18.08
N VAL A 269 -1.91 -7.89 -16.86
CA VAL A 269 -2.98 -7.01 -16.45
C VAL A 269 -2.33 -5.62 -16.35
N ARG A 270 -1.24 -5.55 -15.59
CA ARG A 270 -0.48 -4.32 -15.42
C ARG A 270 0.72 -4.24 -16.37
N GLY A 271 1.06 -5.38 -16.98
CA GLY A 271 2.19 -5.40 -17.89
C GLY A 271 1.85 -5.99 -19.25
N THR A 272 0.77 -5.50 -19.86
CA THR A 272 0.36 -5.97 -21.18
C THR A 272 1.38 -5.51 -22.22
N LYS A 273 2.15 -4.49 -21.85
CA LYS A 273 3.16 -3.92 -22.75
C LYS A 273 4.25 -4.93 -23.04
N THR A 274 4.21 -6.03 -22.30
CA THR A 274 5.19 -7.08 -22.49
C THR A 274 4.71 -7.91 -23.69
N LEU A 275 3.40 -7.89 -23.93
CA LEU A 275 2.80 -8.62 -25.04
C LEU A 275 3.56 -8.38 -26.34
N ASP A 276 4.01 -7.14 -26.53
CA ASP A 276 4.76 -6.77 -27.74
C ASP A 276 6.04 -7.58 -27.80
N LEU A 277 6.86 -7.39 -26.79
CA LEU A 277 8.14 -8.08 -26.68
C LEU A 277 8.04 -9.56 -27.02
N VAL A 278 6.97 -10.21 -26.53
CA VAL A 278 6.75 -11.63 -26.80
C VAL A 278 6.27 -11.83 -28.21
N LYS A 279 5.33 -10.98 -28.63
CA LYS A 279 4.78 -11.04 -29.98
C LYS A 279 5.93 -11.00 -30.96
N ALA A 280 6.96 -10.23 -30.60
CA ALA A 280 8.13 -10.05 -31.44
C ALA A 280 9.30 -11.03 -31.18
N GLY A 281 9.07 -12.05 -30.35
CA GLY A 281 10.14 -12.99 -30.08
C GLY A 281 10.03 -13.67 -28.73
N PHE A 282 10.03 -14.99 -28.75
CA PHE A 282 9.90 -15.78 -27.54
C PHE A 282 10.72 -17.06 -27.69
N PRO A 283 11.26 -17.60 -26.59
CA PRO A 283 12.03 -18.83 -26.74
C PRO A 283 11.11 -19.88 -27.39
N GLU A 284 11.67 -21.03 -27.74
CA GLU A 284 10.89 -22.08 -28.39
C GLU A 284 9.91 -22.87 -27.52
N GLY A 285 10.42 -23.89 -26.85
CA GLY A 285 9.57 -24.73 -26.01
C GLY A 285 9.49 -24.27 -24.58
N LYS A 286 9.34 -22.97 -24.39
CA LYS A 286 9.25 -22.41 -23.06
C LYS A 286 7.82 -22.02 -22.81
N TYR A 287 7.36 -22.25 -21.58
CA TYR A 287 6.00 -21.93 -21.21
C TYR A 287 5.79 -20.47 -20.99
N LEU A 288 4.54 -20.06 -21.13
CA LEU A 288 4.16 -18.68 -20.88
C LEU A 288 2.95 -18.75 -19.99
N PHE A 289 3.14 -18.37 -18.73
CA PHE A 289 2.03 -18.35 -17.81
C PHE A 289 1.42 -16.98 -18.02
N ALA A 290 0.23 -16.99 -18.63
CA ALA A 290 -0.49 -15.77 -18.94
C ALA A 290 -1.25 -15.29 -17.71
N GLY A 291 -0.74 -14.22 -17.09
CA GLY A 291 -1.39 -13.69 -15.90
C GLY A 291 -2.46 -12.72 -16.32
N VAL A 292 -3.63 -13.26 -16.69
CA VAL A 292 -4.78 -12.47 -17.15
C VAL A 292 -5.87 -12.21 -16.10
N VAL A 293 -5.82 -12.94 -14.99
CA VAL A 293 -6.80 -12.79 -13.92
C VAL A 293 -6.27 -11.89 -12.79
N ASP A 294 -6.68 -10.63 -12.85
CA ASP A 294 -6.26 -9.64 -11.87
C ASP A 294 -6.36 -10.18 -10.43
N GLY A 295 -5.23 -10.58 -9.87
CA GLY A 295 -5.25 -11.06 -8.50
C GLY A 295 -4.95 -9.89 -7.61
N ARG A 296 -5.01 -8.70 -8.20
CA ARG A 296 -4.72 -7.47 -7.50
C ARG A 296 -5.94 -6.57 -7.20
N ASN A 297 -7.06 -6.77 -7.90
CA ASN A 297 -8.25 -5.95 -7.66
C ASN A 297 -9.35 -6.80 -7.01
N ILE A 298 -10.60 -6.51 -7.37
CA ILE A 298 -11.72 -7.23 -6.79
C ILE A 298 -12.88 -7.45 -7.77
N TRP A 299 -12.65 -7.16 -9.04
CA TRP A 299 -13.68 -7.30 -10.07
C TRP A 299 -13.63 -8.61 -10.82
N ALA A 300 -14.77 -9.00 -11.38
CA ALA A 300 -14.86 -10.23 -12.16
C ALA A 300 -13.95 -10.02 -13.35
N ASN A 301 -13.61 -11.09 -14.04
CA ASN A 301 -12.73 -10.96 -15.18
C ASN A 301 -13.53 -10.89 -16.47
N ASP A 302 -12.96 -10.24 -17.49
CA ASP A 302 -13.64 -10.14 -18.77
C ASP A 302 -13.36 -11.43 -19.55
N PHE A 303 -13.91 -12.54 -19.07
CA PHE A 303 -13.71 -13.86 -19.67
C PHE A 303 -13.47 -13.82 -21.16
N ALA A 304 -14.35 -13.12 -21.88
CA ALA A 304 -14.24 -13.00 -23.32
C ALA A 304 -12.85 -12.49 -23.68
N ALA A 305 -12.53 -11.28 -23.20
CA ALA A 305 -11.25 -10.62 -23.44
C ALA A 305 -10.11 -11.58 -23.20
N SER A 306 -10.13 -12.20 -22.03
CA SER A 306 -9.09 -13.14 -21.65
C SER A 306 -8.86 -14.14 -22.78
N LEU A 307 -9.93 -14.78 -23.22
CA LEU A 307 -9.81 -15.77 -24.28
C LEU A 307 -9.13 -15.21 -25.52
N SER A 308 -9.50 -14.00 -25.91
CA SER A 308 -8.90 -13.36 -27.08
C SER A 308 -7.39 -13.34 -26.86
N THR A 309 -7.02 -12.70 -25.76
CA THR A 309 -5.62 -12.59 -25.36
C THR A 309 -4.96 -13.97 -25.32
N LEU A 310 -5.54 -14.87 -24.53
CA LEU A 310 -5.01 -16.23 -24.36
C LEU A 310 -4.91 -17.01 -25.66
N GLN A 311 -5.88 -16.78 -26.55
CA GLN A 311 -5.92 -17.44 -27.83
C GLN A 311 -4.73 -17.04 -28.69
N ALA A 312 -4.56 -15.73 -28.90
CA ALA A 312 -3.45 -15.24 -29.72
C ALA A 312 -2.15 -15.76 -29.11
N LEU A 313 -2.12 -15.78 -27.77
CA LEU A 313 -0.96 -16.28 -27.04
C LEU A 313 -0.81 -17.71 -27.51
N GLU A 314 -1.93 -18.43 -27.48
CA GLU A 314 -1.97 -19.80 -27.94
C GLU A 314 -1.39 -19.79 -29.35
N GLY A 315 -1.54 -18.65 -30.02
CA GLY A 315 -1.03 -18.51 -31.37
C GLY A 315 0.48 -18.68 -31.36
N ILE A 316 1.15 -17.78 -30.63
CA ILE A 316 2.62 -17.79 -30.52
C ILE A 316 3.11 -19.21 -30.25
N VAL A 317 2.46 -19.88 -29.32
CA VAL A 317 2.80 -21.27 -28.99
C VAL A 317 1.47 -22.03 -28.92
N GLY A 318 0.97 -22.22 -27.70
CA GLY A 318 -0.29 -22.92 -27.53
C GLY A 318 -0.13 -24.40 -27.70
N LYS A 319 1.07 -24.79 -28.12
CA LYS A 319 1.41 -26.19 -28.33
C LYS A 319 1.56 -26.83 -26.95
N ASP A 320 0.66 -26.44 -26.06
CA ASP A 320 0.61 -26.93 -24.69
C ASP A 320 1.65 -26.23 -23.80
N LYS A 321 2.14 -25.08 -24.25
CA LYS A 321 3.14 -24.32 -23.51
C LYS A 321 2.53 -23.06 -22.91
N LEU A 322 1.23 -22.88 -23.12
CA LEU A 322 0.50 -21.70 -22.62
C LEU A 322 -0.32 -22.04 -21.39
N VAL A 323 -0.01 -21.39 -20.26
CA VAL A 323 -0.73 -21.62 -19.01
C VAL A 323 -1.45 -20.35 -18.53
N VAL A 324 -2.69 -20.51 -18.10
CA VAL A 324 -3.49 -19.39 -17.60
C VAL A 324 -3.08 -19.21 -16.17
N SER A 325 -2.95 -17.96 -15.72
CA SER A 325 -2.51 -17.70 -14.37
C SER A 325 -3.02 -16.36 -13.86
N THR A 326 -2.91 -16.15 -12.55
CA THR A 326 -3.31 -14.90 -11.94
C THR A 326 -2.22 -13.89 -12.33
N SER A 327 -2.57 -12.60 -12.43
CA SER A 327 -1.58 -11.59 -12.81
C SER A 327 -0.47 -11.48 -11.76
N CYS A 328 -0.82 -11.77 -10.51
CA CYS A 328 0.13 -11.73 -9.40
C CYS A 328 -0.47 -12.54 -8.24
N SER A 329 0.18 -12.52 -7.09
CA SER A 329 -0.30 -13.28 -5.94
C SER A 329 -1.65 -12.76 -5.47
N LEU A 330 -2.56 -13.70 -5.18
CA LEU A 330 -3.89 -13.36 -4.70
C LEU A 330 -3.78 -12.77 -3.29
N LEU A 331 -2.55 -12.75 -2.79
CA LEU A 331 -2.27 -12.19 -1.48
C LEU A 331 -2.73 -10.73 -1.47
N HIS A 332 -2.79 -10.13 -2.65
CA HIS A 332 -3.15 -8.73 -2.79
C HIS A 332 -4.60 -8.43 -3.08
N THR A 333 -5.44 -9.45 -2.97
CA THR A 333 -6.88 -9.33 -3.19
C THR A 333 -7.46 -9.97 -1.93
N ALA A 334 -8.78 -10.01 -1.82
CA ALA A 334 -9.43 -10.61 -0.66
C ALA A 334 -9.75 -12.09 -0.92
N VAL A 335 -10.09 -12.83 0.13
CA VAL A 335 -10.39 -14.26 0.05
C VAL A 335 -11.67 -14.73 -0.66
N ASP A 336 -12.77 -14.79 0.10
CA ASP A 336 -14.07 -15.29 -0.39
C ASP A 336 -15.19 -14.26 -0.55
N LEU A 337 -15.65 -14.10 -1.78
CA LEU A 337 -16.73 -13.17 -2.02
C LEU A 337 -18.01 -13.86 -1.55
N ILE A 338 -17.87 -15.12 -1.14
CA ILE A 338 -19.01 -15.87 -0.64
C ILE A 338 -19.10 -15.70 0.87
N ASN A 339 -18.79 -14.49 1.32
CA ASN A 339 -18.87 -14.10 2.72
C ASN A 339 -19.31 -12.64 2.65
N GLU A 340 -19.70 -12.26 1.43
CA GLU A 340 -20.20 -10.92 1.16
C GLU A 340 -21.72 -11.06 1.04
N THR A 341 -22.37 -10.81 2.17
CA THR A 341 -23.81 -10.90 2.30
C THR A 341 -24.56 -9.56 2.15
N LYS A 342 -24.25 -8.59 3.01
CA LYS A 342 -24.90 -7.27 2.99
C LYS A 342 -24.92 -6.71 1.58
N LEU A 343 -23.87 -6.96 0.81
CA LEU A 343 -23.81 -6.47 -0.55
C LEU A 343 -24.91 -7.10 -1.40
N ASP A 344 -25.65 -6.25 -2.10
CA ASP A 344 -26.74 -6.70 -2.95
C ASP A 344 -26.25 -7.68 -3.98
N ASP A 345 -27.18 -8.25 -4.75
CA ASP A 345 -26.81 -9.18 -5.78
C ASP A 345 -25.98 -8.47 -6.86
N GLU A 346 -26.67 -7.90 -7.84
CA GLU A 346 -26.02 -7.23 -8.98
C GLU A 346 -24.62 -6.72 -8.76
N ILE A 347 -24.38 -5.98 -7.68
CA ILE A 347 -23.04 -5.47 -7.41
C ILE A 347 -22.04 -6.62 -7.27
N LYS A 348 -22.31 -7.53 -6.34
CA LYS A 348 -21.43 -8.67 -6.14
C LYS A 348 -21.26 -9.42 -7.46
N SER A 349 -22.31 -9.43 -8.26
CA SER A 349 -22.28 -10.08 -9.55
C SER A 349 -21.09 -9.53 -10.34
N TRP A 350 -20.67 -8.34 -9.93
CA TRP A 350 -19.56 -7.61 -10.56
C TRP A 350 -18.17 -7.75 -9.91
N MSE A 351 -18.10 -8.50 -8.82
CA MSE A 351 -16.84 -8.70 -8.13
C MSE A 351 -16.48 -10.17 -8.06
O MSE A 351 -17.30 -11.04 -8.35
CB MSE A 351 -16.95 -8.17 -6.71
CG MSE A 351 -17.41 -6.75 -6.63
SE MSE A 351 -18.16 -6.47 -4.91
CE MSE A 351 -16.59 -5.95 -3.91
N ALA A 352 -15.24 -10.44 -7.67
CA ALA A 352 -14.75 -11.79 -7.54
C ALA A 352 -13.52 -11.69 -6.67
N PHE A 353 -13.54 -12.35 -5.52
CA PHE A 353 -12.37 -12.30 -4.65
C PHE A 353 -11.40 -13.41 -5.04
N ALA A 354 -10.43 -13.71 -4.19
CA ALA A 354 -9.45 -14.76 -4.51
C ALA A 354 -10.11 -16.08 -4.88
N ALA A 355 -10.69 -16.77 -3.90
CA ALA A 355 -11.35 -18.05 -4.14
C ALA A 355 -12.14 -18.05 -5.45
N GLN A 356 -12.82 -16.94 -5.72
CA GLN A 356 -13.59 -16.82 -6.94
C GLN A 356 -12.66 -16.77 -8.15
N LYS A 357 -11.52 -16.10 -8.00
CA LYS A 357 -10.50 -15.95 -9.05
C LYS A 357 -9.79 -17.27 -9.33
N VAL A 358 -9.62 -18.08 -8.30
CA VAL A 358 -8.99 -19.38 -8.44
C VAL A 358 -9.79 -20.12 -9.50
N VAL A 359 -11.11 -20.07 -9.38
CA VAL A 359 -12.00 -20.74 -10.30
C VAL A 359 -11.97 -20.17 -11.72
N GLU A 360 -11.98 -18.85 -11.83
CA GLU A 360 -11.94 -18.22 -13.15
C GLU A 360 -10.78 -18.80 -13.94
N VAL A 361 -9.58 -18.75 -13.37
CA VAL A 361 -8.38 -19.26 -14.04
C VAL A 361 -8.69 -20.55 -14.82
N ASN A 362 -9.59 -21.35 -14.26
CA ASN A 362 -9.98 -22.63 -14.84
C ASN A 362 -11.06 -22.52 -15.92
N ALA A 363 -12.11 -21.77 -15.67
CA ALA A 363 -13.13 -21.61 -16.67
C ALA A 363 -12.43 -21.19 -17.96
N LEU A 364 -11.36 -20.41 -17.81
CA LEU A 364 -10.57 -19.90 -18.93
C LEU A 364 -9.59 -20.94 -19.43
N ALA A 365 -9.19 -21.86 -18.56
CA ALA A 365 -8.23 -22.89 -18.97
C ALA A 365 -8.93 -23.98 -19.77
N LYS A 366 -10.15 -24.32 -19.37
CA LYS A 366 -10.92 -25.34 -20.04
C LYS A 366 -11.49 -24.76 -21.34
N ALA A 367 -11.89 -23.49 -21.29
CA ALA A 367 -12.44 -22.82 -22.47
C ALA A 367 -11.38 -22.70 -23.57
N LEU A 368 -10.12 -22.89 -23.20
CA LEU A 368 -9.01 -22.81 -24.15
C LEU A 368 -8.68 -24.24 -24.57
N ALA A 369 -9.30 -25.20 -23.88
CA ALA A 369 -9.08 -26.60 -24.16
C ALA A 369 -10.35 -27.22 -24.70
N GLY A 370 -11.33 -26.38 -25.00
CA GLY A 370 -12.59 -26.84 -25.57
C GLY A 370 -13.57 -27.42 -24.57
N GLN A 371 -13.49 -26.97 -23.32
CA GLN A 371 -14.39 -27.45 -22.28
C GLN A 371 -15.20 -26.28 -21.76
N LYS A 372 -15.17 -25.17 -22.51
CA LYS A 372 -15.88 -23.93 -22.19
C LYS A 372 -17.23 -24.06 -21.47
N ASP A 373 -17.24 -24.09 -20.14
CA ASP A 373 -18.49 -24.22 -19.38
C ASP A 373 -19.40 -23.03 -19.68
N GLU A 374 -20.12 -23.13 -20.81
CA GLU A 374 -21.02 -22.09 -21.31
C GLU A 374 -21.87 -21.38 -20.26
N ALA A 375 -22.23 -22.07 -19.18
CA ALA A 375 -23.04 -21.45 -18.14
C ALA A 375 -22.27 -20.37 -17.38
N LEU A 376 -20.93 -20.40 -17.49
CA LEU A 376 -20.06 -19.42 -16.81
C LEU A 376 -19.89 -18.13 -17.59
N PHE A 377 -19.62 -18.29 -18.88
CA PHE A 377 -19.44 -17.13 -19.75
C PHE A 377 -20.79 -16.47 -19.98
N SER A 378 -21.85 -17.27 -19.98
CA SER A 378 -23.20 -16.77 -20.17
C SER A 378 -23.51 -15.81 -19.02
N ALA A 379 -23.15 -16.22 -17.82
CA ALA A 379 -23.39 -15.42 -16.63
C ALA A 379 -22.42 -14.25 -16.59
N ASN A 380 -21.13 -14.55 -16.73
CA ASN A 380 -20.12 -13.51 -16.71
C ASN A 380 -20.53 -12.41 -17.65
N ALA A 381 -20.49 -12.71 -18.94
CA ALA A 381 -20.85 -11.74 -19.96
C ALA A 381 -22.08 -10.93 -19.56
N ALA A 382 -23.04 -11.59 -18.91
CA ALA A 382 -24.27 -10.93 -18.48
C ALA A 382 -23.99 -9.89 -17.39
N ALA A 383 -23.10 -10.26 -16.46
CA ALA A 383 -22.72 -9.38 -15.37
C ALA A 383 -21.90 -8.24 -15.94
N LEU A 384 -21.17 -8.52 -17.01
CA LEU A 384 -20.38 -7.50 -17.66
C LEU A 384 -21.41 -6.53 -18.22
N ALA A 385 -22.39 -7.07 -18.92
CA ALA A 385 -23.46 -6.29 -19.51
C ALA A 385 -24.12 -5.36 -18.49
N SER A 386 -24.38 -5.89 -17.31
CA SER A 386 -25.00 -5.13 -16.23
C SER A 386 -24.18 -3.88 -15.93
N ARG A 387 -22.96 -4.11 -15.47
CA ARG A 387 -22.02 -3.05 -15.10
C ARG A 387 -21.94 -1.93 -16.13
N ARG A 388 -21.57 -2.28 -17.36
CA ARG A 388 -21.42 -1.32 -18.44
C ARG A 388 -22.70 -0.55 -18.79
N SER A 389 -23.84 -1.01 -18.27
CA SER A 389 -25.11 -0.33 -18.54
C SER A 389 -25.65 0.37 -17.27
N SER A 390 -26.01 -0.43 -16.27
CA SER A 390 -26.53 0.06 -15.00
C SER A 390 -26.26 1.53 -14.68
N PRO A 391 -27.33 2.32 -14.49
CA PRO A 391 -27.18 3.75 -14.17
C PRO A 391 -26.58 3.94 -12.79
N ARG A 392 -26.19 2.86 -12.13
CA ARG A 392 -25.56 2.95 -10.80
C ARG A 392 -24.09 3.28 -11.05
N VAL A 393 -23.71 3.29 -12.32
CA VAL A 393 -22.36 3.57 -12.74
C VAL A 393 -22.29 4.94 -13.42
N THR A 394 -22.39 4.91 -14.75
CA THR A 394 -22.35 6.13 -15.57
C THR A 394 -23.32 7.21 -15.07
N ASN A 395 -22.91 8.47 -15.18
CA ASN A 395 -23.73 9.60 -14.70
C ASN A 395 -23.51 10.93 -15.46
N GLU A 396 -24.27 11.93 -15.02
CA GLU A 396 -24.20 13.28 -15.57
C GLU A 396 -23.11 14.03 -14.83
N GLY A 397 -22.68 13.46 -13.70
CA GLY A 397 -21.59 14.02 -12.94
C GLY A 397 -20.43 13.71 -13.87
N VAL A 398 -20.55 12.58 -14.55
CA VAL A 398 -19.55 12.15 -15.52
C VAL A 398 -19.62 13.02 -16.74
N GLN A 399 -20.02 14.28 -16.53
CA GLN A 399 -20.14 15.27 -17.59
C GLN A 399 -19.42 16.54 -17.13
N LYS A 400 -19.48 16.78 -15.83
CA LYS A 400 -18.83 17.95 -15.22
C LYS A 400 -17.33 17.82 -15.45
N ALA A 401 -16.94 16.73 -16.10
CA ALA A 401 -15.54 16.43 -16.40
C ALA A 401 -15.09 17.12 -17.69
N ALA A 402 -15.99 17.19 -18.68
CA ALA A 402 -15.71 17.83 -19.96
C ALA A 402 -15.64 19.36 -19.80
N ALA A 403 -15.48 19.78 -18.55
CA ALA A 403 -15.40 21.19 -18.18
C ALA A 403 -14.10 21.39 -17.39
N ALA A 404 -13.55 20.29 -16.89
CA ALA A 404 -12.31 20.32 -16.14
C ALA A 404 -11.17 20.35 -17.16
N LEU A 405 -11.55 20.33 -18.44
CA LEU A 405 -10.60 20.40 -19.55
C LEU A 405 -10.36 21.88 -19.83
N LYS A 406 -11.01 22.72 -19.01
CA LYS A 406 -10.89 24.18 -19.11
C LYS A 406 -9.51 24.49 -18.52
N GLY A 407 -8.47 24.07 -19.25
CA GLY A 407 -7.12 24.29 -18.78
C GLY A 407 -6.97 23.65 -17.41
N SER A 408 -5.82 23.85 -16.76
CA SER A 408 -5.61 23.30 -15.44
C SER A 408 -6.63 23.94 -14.49
N ASP A 409 -6.33 23.89 -13.20
CA ASP A 409 -7.20 24.48 -12.20
C ASP A 409 -6.36 24.99 -11.05
N HIS A 410 -5.46 25.95 -11.36
CA HIS A 410 -4.57 26.59 -10.37
C HIS A 410 -5.41 27.53 -9.53
N ARG A 411 -5.11 27.62 -8.25
CA ARG A 411 -5.90 28.50 -7.38
C ARG A 411 -5.80 29.95 -7.80
N ARG A 412 -6.92 30.43 -8.34
CA ARG A 412 -7.11 31.80 -8.84
C ARG A 412 -5.91 32.75 -8.69
N ALA A 413 -5.10 32.81 -9.73
CA ALA A 413 -3.91 33.65 -9.79
C ALA A 413 -3.26 33.91 -8.41
N THR A 414 -3.85 34.84 -7.67
CA THR A 414 -3.37 35.24 -6.35
C THR A 414 -2.19 34.40 -5.89
N ASN A 415 -0.98 34.82 -6.27
CA ASN A 415 0.22 34.10 -5.88
C ASN A 415 0.07 33.85 -4.39
N VAL A 416 0.33 32.62 -3.96
CA VAL A 416 0.18 32.28 -2.55
C VAL A 416 0.77 33.37 -1.65
N SER A 417 1.87 33.99 -2.10
CA SER A 417 2.53 35.03 -1.34
C SER A 417 1.66 36.27 -1.21
N ALA A 418 0.95 36.62 -2.27
CA ALA A 418 0.07 37.79 -2.26
C ALA A 418 -1.33 37.36 -1.86
N ARG A 419 -1.40 36.17 -1.26
CA ARG A 419 -2.66 35.58 -0.79
C ARG A 419 -2.58 35.45 0.73
N LEU A 420 -1.39 35.17 1.22
CA LEU A 420 -1.16 35.03 2.65
C LEU A 420 -1.48 36.37 3.30
N ASP A 421 -1.22 37.44 2.57
CA ASP A 421 -1.45 38.80 3.06
C ASP A 421 -2.91 39.00 3.49
N ALA A 422 -3.81 38.28 2.84
CA ALA A 422 -5.23 38.38 3.15
C ALA A 422 -5.66 37.39 4.23
N GLN A 423 -5.13 36.17 4.16
CA GLN A 423 -5.47 35.13 5.12
C GLN A 423 -5.09 35.62 6.51
N GLN A 424 -3.92 36.24 6.61
CA GLN A 424 -3.44 36.76 7.88
C GLN A 424 -4.39 37.86 8.36
N LYS A 425 -4.68 38.83 7.50
CA LYS A 425 -5.57 39.92 7.86
C LYS A 425 -6.78 39.37 8.60
N LYS A 426 -7.56 38.56 7.90
CA LYS A 426 -8.76 37.96 8.45
C LYS A 426 -8.55 37.33 9.84
N LEU A 427 -7.35 36.81 10.09
CA LEU A 427 -7.06 36.19 11.39
C LEU A 427 -5.63 36.39 11.86
N ASN A 428 -5.36 37.52 12.53
CA ASN A 428 -4.00 37.78 13.01
C ASN A 428 -3.45 36.70 13.94
N LEU A 429 -2.57 35.87 13.41
CA LEU A 429 -1.98 34.83 14.23
C LEU A 429 -0.51 35.16 14.44
N PRO A 430 0.03 34.74 15.59
CA PRO A 430 1.44 34.97 15.93
C PRO A 430 2.37 34.06 15.14
N ILE A 431 3.61 34.51 14.97
CA ILE A 431 4.60 33.75 14.24
C ILE A 431 4.76 32.38 14.89
N LEU A 432 4.94 31.35 14.06
CA LEU A 432 5.07 29.96 14.53
C LEU A 432 3.77 29.45 15.18
N PRO A 433 2.63 29.67 14.49
CA PRO A 433 1.31 29.25 14.96
C PRO A 433 1.15 27.74 15.29
N THR A 434 0.74 27.47 16.52
CA THR A 434 0.54 26.11 17.00
C THR A 434 -0.67 25.46 16.35
N THR A 435 -0.73 24.13 16.43
CA THR A 435 -1.85 23.39 15.87
C THR A 435 -1.68 21.89 15.99
N THR A 436 -2.70 21.16 15.52
CA THR A 436 -2.72 19.71 15.54
C THR A 436 -2.87 19.18 14.11
N ILE A 437 -3.20 17.90 13.98
CA ILE A 437 -3.33 17.32 12.67
C ILE A 437 -4.74 16.91 12.22
N GLY A 438 -5.54 16.39 13.14
CA GLY A 438 -6.88 16.01 12.75
C GLY A 438 -7.63 15.17 13.75
N SER A 439 -7.05 14.03 14.09
CA SER A 439 -7.65 13.09 15.03
C SER A 439 -7.19 13.31 16.47
N PHE A 440 -7.98 12.76 17.40
CA PHE A 440 -7.68 12.85 18.82
C PHE A 440 -7.95 11.55 19.55
N PRO A 441 -7.30 11.36 20.71
CA PRO A 441 -7.47 10.15 21.53
C PRO A 441 -8.93 9.87 21.86
N GLN A 442 -9.25 8.61 22.15
CA GLN A 442 -10.61 8.21 22.49
C GLN A 442 -10.79 7.98 24.01
N THR A 443 -12.04 7.72 24.40
CA THR A 443 -12.39 7.46 25.81
C THR A 443 -13.16 6.13 25.91
N VAL A 444 -14.26 6.13 26.66
CA VAL A 444 -15.07 4.92 26.80
C VAL A 444 -15.36 4.38 25.41
N GLU A 445 -16.03 5.20 24.59
CA GLU A 445 -16.36 4.83 23.22
C GLU A 445 -17.37 3.72 23.09
N LEU A 446 -18.63 4.13 23.06
CA LEU A 446 -19.73 3.21 22.91
C LEU A 446 -19.98 3.09 21.41
N ARG A 447 -19.81 1.87 20.91
CA ARG A 447 -20.01 1.59 19.50
C ARG A 447 -21.39 2.02 19.02
N GLU A 461 -29.75 11.29 21.90
CA GLU A 461 -29.37 10.44 20.79
C GLU A 461 -27.86 10.41 20.59
N ASP A 462 -27.46 10.59 19.33
CA ASP A 462 -26.03 10.59 18.98
C ASP A 462 -25.53 12.03 18.93
N TYR A 463 -26.46 12.97 18.77
CA TYR A 463 -26.10 14.38 18.75
C TYR A 463 -25.76 14.85 20.17
N VAL A 464 -26.70 14.63 21.09
CA VAL A 464 -26.55 14.99 22.50
C VAL A 464 -25.26 14.42 23.08
N LYS A 465 -24.84 13.29 22.55
CA LYS A 465 -23.62 12.63 23.01
C LYS A 465 -22.41 13.11 22.21
N ALA A 466 -22.54 13.16 20.90
CA ALA A 466 -21.44 13.60 20.04
C ALA A 466 -20.84 14.91 20.51
N ILE A 467 -21.69 15.93 20.72
CA ILE A 467 -21.22 17.24 21.18
C ILE A 467 -20.45 17.11 22.49
N LYS A 468 -21.06 16.43 23.47
CA LYS A 468 -20.45 16.22 24.78
C LYS A 468 -18.96 16.00 24.65
N GLU A 469 -18.57 15.21 23.65
CA GLU A 469 -17.17 14.90 23.42
C GLU A 469 -16.45 15.99 22.62
N GLU A 470 -17.07 16.47 21.55
CA GLU A 470 -16.46 17.50 20.72
C GLU A 470 -16.14 18.78 21.48
N ILE A 471 -17.05 19.24 22.34
CA ILE A 471 -16.80 20.46 23.11
C ILE A 471 -15.72 20.24 24.15
N LYS A 472 -15.55 19.01 24.59
CA LYS A 472 -14.52 18.72 25.56
C LYS A 472 -13.18 18.73 24.82
N LYS A 473 -13.20 18.28 23.58
CA LYS A 473 -12.00 18.26 22.75
C LYS A 473 -11.59 19.70 22.50
N VAL A 474 -12.57 20.59 22.46
CA VAL A 474 -12.32 22.01 22.23
C VAL A 474 -12.08 22.77 23.53
N VAL A 475 -12.94 22.55 24.53
CA VAL A 475 -12.81 23.21 25.82
C VAL A 475 -11.36 23.00 26.24
N ASP A 476 -10.77 21.92 25.73
CA ASP A 476 -9.39 21.56 25.99
C ASP A 476 -8.42 22.32 25.08
N LEU A 477 -8.56 22.17 23.77
CA LEU A 477 -7.69 22.88 22.84
C LEU A 477 -7.47 24.32 23.29
N GLN A 478 -8.54 24.99 23.76
CA GLN A 478 -8.48 26.38 24.20
C GLN A 478 -7.65 26.58 25.45
N GLU A 479 -8.13 26.01 26.56
CA GLU A 479 -7.42 26.11 27.83
C GLU A 479 -6.02 25.57 27.60
N GLU A 480 -5.97 24.39 27.02
CA GLU A 480 -4.72 23.71 26.73
C GLU A 480 -3.89 24.46 25.72
N LEU A 481 -2.66 24.76 26.13
CA LEU A 481 -1.66 25.45 25.33
C LEU A 481 -2.16 26.37 24.21
N ASP A 482 -3.22 27.13 24.46
CA ASP A 482 -3.75 28.05 23.46
C ASP A 482 -4.04 27.36 22.10
N ILE A 483 -3.01 27.21 21.27
CA ILE A 483 -3.14 26.60 19.95
C ILE A 483 -3.81 27.58 19.00
N ASP A 484 -2.98 28.33 18.29
CA ASP A 484 -3.44 29.33 17.36
C ASP A 484 -4.49 28.84 16.36
N VAL A 485 -4.69 27.54 16.29
CA VAL A 485 -5.68 26.95 15.40
C VAL A 485 -6.04 25.57 15.92
N LEU A 486 -7.28 25.40 16.34
CA LEU A 486 -7.73 24.12 16.90
C LEU A 486 -8.35 23.21 15.84
N VAL A 487 -8.90 22.08 16.28
CA VAL A 487 -9.60 21.10 15.41
C VAL A 487 -10.71 20.35 16.22
N HIS A 488 -11.64 19.71 15.51
CA HIS A 488 -12.73 19.00 16.18
C HIS A 488 -12.41 17.58 16.63
N GLY A 489 -11.17 17.13 16.39
CA GLY A 489 -10.75 15.79 16.79
C GLY A 489 -11.45 14.59 16.15
N GLU A 490 -11.92 14.75 14.92
CA GLU A 490 -12.62 13.70 14.15
C GLU A 490 -13.36 12.61 14.93
N PRO A 491 -14.10 12.97 15.99
CA PRO A 491 -14.78 11.89 16.70
C PRO A 491 -15.72 11.12 15.78
N GLU A 492 -16.69 11.82 15.19
CA GLU A 492 -17.68 11.20 14.31
C GLU A 492 -17.14 10.39 13.12
N ARG A 493 -15.81 10.29 13.01
CA ARG A 493 -15.17 9.55 11.92
C ARG A 493 -14.22 8.43 12.39
N ASN A 494 -14.56 7.19 12.02
CA ASN A 494 -13.72 6.03 12.35
C ASN A 494 -12.57 6.05 11.34
N ASP A 495 -12.85 5.59 10.13
CA ASP A 495 -11.86 5.55 9.07
C ASP A 495 -12.01 6.81 8.23
N MSE A 496 -10.94 7.59 8.19
CA MSE A 496 -10.92 8.83 7.45
C MSE A 496 -11.24 8.67 5.97
O MSE A 496 -11.58 9.67 5.31
CB MSE A 496 -9.57 9.53 7.63
CG MSE A 496 -8.38 8.61 7.50
SE MSE A 496 -6.93 9.45 6.56
CE MSE A 496 -7.27 8.74 4.80
N VAL A 497 -11.13 7.47 5.43
CA VAL A 497 -11.47 7.26 4.02
C VAL A 497 -12.88 6.72 3.93
N GLU A 498 -13.22 5.82 4.85
CA GLU A 498 -14.54 5.25 4.87
C GLU A 498 -15.59 6.32 5.15
N TYR A 499 -15.33 7.12 6.17
CA TYR A 499 -16.25 8.18 6.53
C TYR A 499 -16.86 8.75 5.25
N PHE A 500 -16.00 9.32 4.41
CA PHE A 500 -16.44 9.95 3.18
C PHE A 500 -17.05 8.99 2.17
N GLY A 501 -16.60 7.74 2.15
CA GLY A 501 -17.15 6.79 1.20
C GLY A 501 -18.62 6.51 1.42
N GLU A 502 -18.96 6.19 2.68
CA GLU A 502 -20.32 5.89 3.07
C GLU A 502 -21.21 7.04 2.62
N GLN A 503 -20.67 8.25 2.75
CA GLN A 503 -21.36 9.48 2.38
C GLN A 503 -21.13 9.86 0.92
N LEU A 504 -20.93 8.87 0.06
CA LEU A 504 -20.71 9.17 -1.34
C LEU A 504 -21.41 8.28 -2.33
N SER A 505 -21.30 8.69 -3.59
CA SER A 505 -21.95 8.02 -4.69
C SER A 505 -21.37 6.65 -5.07
N GLY A 506 -20.21 6.64 -5.72
CA GLY A 506 -19.60 5.39 -6.15
C GLY A 506 -18.95 4.51 -5.08
N PHE A 507 -19.46 4.54 -3.85
CA PHE A 507 -18.88 3.71 -2.81
C PHE A 507 -19.80 2.67 -2.23
N ALA A 508 -19.33 1.42 -2.29
CA ALA A 508 -20.06 0.29 -1.72
C ALA A 508 -19.12 -0.19 -0.62
N PHE A 509 -19.60 -1.02 0.28
CA PHE A 509 -18.73 -1.53 1.31
C PHE A 509 -18.97 -3.01 1.49
N THR A 510 -17.86 -3.75 1.55
CA THR A 510 -17.88 -5.19 1.70
C THR A 510 -17.87 -5.57 3.18
N ALA A 511 -18.49 -6.70 3.50
CA ALA A 511 -18.57 -7.18 4.88
C ALA A 511 -17.30 -7.88 5.36
N ASN A 512 -16.80 -8.83 4.56
CA ASN A 512 -15.59 -9.57 4.94
C ASN A 512 -14.42 -9.43 3.97
N GLY A 513 -14.52 -8.48 3.04
CA GLY A 513 -13.45 -8.28 2.09
C GLY A 513 -12.18 -7.67 2.66
N TRP A 514 -11.37 -8.49 3.29
CA TRP A 514 -10.14 -8.00 3.86
C TRP A 514 -8.94 -8.36 2.99
N VAL A 515 -7.87 -7.57 3.15
CA VAL A 515 -6.61 -7.75 2.45
C VAL A 515 -5.59 -7.59 3.54
N GLN A 516 -4.43 -8.19 3.39
CA GLN A 516 -3.42 -8.07 4.43
C GLN A 516 -2.48 -6.90 4.17
N SER A 517 -1.98 -6.32 5.26
CA SER A 517 -1.09 -5.20 5.15
C SER A 517 0.29 -5.50 5.72
N TYR A 518 0.33 -6.29 6.78
CA TYR A 518 1.61 -6.66 7.38
C TYR A 518 1.37 -7.37 8.72
N GLY A 519 2.12 -8.44 8.97
CA GLY A 519 1.96 -9.18 10.21
C GLY A 519 0.53 -9.69 10.37
N SER A 520 -0.06 -9.45 11.54
CA SER A 520 -1.43 -9.91 11.79
C SER A 520 -2.44 -8.85 11.37
N ARG A 521 -1.93 -7.72 10.87
CA ARG A 521 -2.77 -6.60 10.44
C ARG A 521 -3.28 -6.64 8.99
N CYS A 522 -4.45 -6.04 8.79
CA CYS A 522 -5.11 -5.97 7.49
C CYS A 522 -5.89 -4.68 7.32
N VAL A 523 -6.60 -4.57 6.20
CA VAL A 523 -7.38 -3.38 5.89
C VAL A 523 -8.54 -3.75 4.97
N LYS A 524 -9.75 -3.31 5.28
CA LYS A 524 -10.85 -3.60 4.38
C LYS A 524 -11.08 -2.29 3.67
N PRO A 525 -10.57 -2.17 2.44
CA PRO A 525 -10.71 -0.97 1.63
C PRO A 525 -12.11 -0.78 1.07
N PRO A 526 -12.58 0.48 1.02
CA PRO A 526 -13.92 0.74 0.49
C PRO A 526 -13.87 0.39 -0.98
N VAL A 527 -15.02 0.20 -1.60
CA VAL A 527 -15.02 -0.16 -3.01
C VAL A 527 -15.65 0.94 -3.84
N ILE A 528 -14.92 1.38 -4.84
CA ILE A 528 -15.43 2.43 -5.70
C ILE A 528 -15.90 1.80 -7.00
N TYR A 529 -17.19 1.51 -7.07
CA TYR A 529 -17.80 0.90 -8.25
C TYR A 529 -18.20 1.88 -9.36
N GLY A 530 -18.77 3.04 -8.99
CA GLY A 530 -19.18 4.02 -9.99
C GLY A 530 -18.79 5.46 -9.72
N ASP A 531 -19.12 6.33 -10.67
CA ASP A 531 -18.84 7.78 -10.61
C ASP A 531 -19.10 8.41 -9.25
N VAL A 532 -18.03 8.90 -8.60
CA VAL A 532 -18.16 9.52 -7.28
C VAL A 532 -18.93 10.85 -7.33
N SER A 533 -19.71 11.11 -6.29
CA SER A 533 -20.53 12.32 -6.22
C SER A 533 -21.11 12.56 -4.83
N ARG A 534 -20.93 13.78 -4.31
CA ARG A 534 -21.43 14.17 -2.99
C ARG A 534 -22.68 15.06 -3.11
N PRO A 535 -23.86 14.45 -3.27
CA PRO A 535 -25.09 15.24 -3.38
C PRO A 535 -25.43 16.05 -2.13
N LYS A 536 -25.01 15.56 -0.96
CA LYS A 536 -25.27 16.26 0.29
C LYS A 536 -24.04 16.59 1.09
N ALA A 537 -24.15 17.63 1.92
CA ALA A 537 -23.05 18.09 2.77
C ALA A 537 -22.63 17.02 3.76
N MSE A 538 -21.32 16.76 3.83
CA MSE A 538 -20.77 15.73 4.72
C MSE A 538 -20.14 16.33 5.98
O MSE A 538 -20.53 15.97 7.09
CB MSE A 538 -19.71 14.93 3.97
CG MSE A 538 -20.18 14.40 2.61
SE MSE A 538 -18.70 13.75 1.56
CE MSE A 538 -17.31 14.87 2.30
N THR A 539 -19.17 17.20 5.79
CA THR A 539 -18.49 17.85 6.91
C THR A 539 -19.47 18.87 7.48
N VAL A 540 -19.25 20.13 7.11
CA VAL A 540 -20.07 21.27 7.52
C VAL A 540 -20.67 21.18 8.93
N PHE A 541 -21.75 20.42 9.03
CA PHE A 541 -22.46 20.23 10.29
C PHE A 541 -21.57 20.23 11.52
N TRP A 542 -20.74 19.20 11.64
CA TRP A 542 -19.84 19.05 12.80
C TRP A 542 -18.73 20.09 12.85
N SER A 543 -18.21 20.47 11.69
CA SER A 543 -17.15 21.46 11.66
C SER A 543 -17.69 22.84 12.09
N ALA A 544 -18.87 23.17 11.57
CA ALA A 544 -19.53 24.46 11.88
C ALA A 544 -19.86 24.52 13.37
N MSE A 545 -20.38 23.40 13.87
CA MSE A 545 -20.76 23.25 15.26
C MSE A 545 -19.55 23.50 16.16
O MSE A 545 -19.67 24.01 17.25
CB MSE A 545 -21.29 21.84 15.45
CG MSE A 545 -21.97 21.54 16.76
SE MSE A 545 -22.71 19.75 16.66
CE MSE A 545 -24.61 20.17 16.65
N ALA A 546 -18.37 23.13 15.65
CA ALA A 546 -17.12 23.29 16.38
C ALA A 546 -16.66 24.74 16.43
N GLN A 547 -16.70 25.40 15.28
CA GLN A 547 -16.30 26.81 15.18
C GLN A 547 -17.45 27.71 15.58
N SER A 548 -17.65 27.81 16.88
CA SER A 548 -18.71 28.60 17.47
C SER A 548 -18.51 28.40 18.97
N MSE A 549 -17.81 27.32 19.27
CA MSE A 549 -17.49 26.95 20.64
C MSE A 549 -16.18 27.65 21.00
O MSE A 549 -15.68 27.50 22.11
CB MSE A 549 -17.33 25.42 20.75
CG MSE A 549 -18.61 24.64 20.46
SE MSE A 549 -18.43 22.70 20.61
CE MSE A 549 -19.76 22.12 19.33
N THR A 550 -15.64 28.42 20.06
CA THR A 550 -14.39 29.14 20.28
C THR A 550 -14.28 30.43 19.49
N SER A 551 -13.26 31.23 19.82
CA SER A 551 -12.97 32.48 19.14
C SER A 551 -11.55 32.33 18.58
N ARG A 552 -11.27 31.14 18.04
CA ARG A 552 -9.96 30.81 17.47
C ARG A 552 -10.18 30.07 16.16
N PRO A 553 -9.20 30.14 15.25
CA PRO A 553 -9.33 29.46 13.96
C PRO A 553 -9.57 27.97 14.15
N MSE A 554 -10.49 27.43 13.37
CA MSE A 554 -10.81 26.03 13.43
C MSE A 554 -10.52 25.32 12.11
O MSE A 554 -11.13 25.63 11.09
CB MSE A 554 -12.28 25.85 13.79
CG MSE A 554 -12.51 25.52 15.25
SE MSE A 554 -11.95 23.72 15.69
CE MSE A 554 -13.18 22.78 14.52
N LYS A 555 -9.57 24.37 12.14
CA LYS A 555 -9.20 23.66 10.94
C LYS A 555 -10.25 22.65 10.47
N GLY A 556 -10.99 23.03 9.43
CA GLY A 556 -11.99 22.16 8.84
C GLY A 556 -11.22 20.92 8.42
N MSE A 557 -11.87 19.78 8.33
CA MSE A 557 -11.14 18.57 7.99
C MSE A 557 -11.64 17.81 6.79
O MSE A 557 -12.83 17.53 6.68
CB MSE A 557 -11.11 17.62 9.18
CG MSE A 557 -9.97 17.85 10.16
SE MSE A 557 -8.28 17.46 9.33
CE MSE A 557 -8.67 15.66 8.75
N LEU A 558 -10.73 17.47 5.90
CA LEU A 558 -11.10 16.72 4.70
C LEU A 558 -10.00 15.72 4.35
N THR A 559 -10.37 14.74 3.54
CA THR A 559 -9.44 13.72 3.06
C THR A 559 -9.24 13.93 1.56
N GLY A 560 -8.01 14.26 1.17
CA GLY A 560 -7.70 14.51 -0.22
C GLY A 560 -8.25 13.40 -1.09
N PRO A 561 -8.54 13.68 -2.37
CA PRO A 561 -9.08 12.68 -3.31
C PRO A 561 -8.05 11.66 -3.84
N VAL A 562 -6.77 11.88 -3.54
CA VAL A 562 -5.74 10.93 -3.98
C VAL A 562 -5.67 9.81 -2.96
N THR A 563 -5.68 10.16 -1.68
CA THR A 563 -5.68 9.15 -0.63
C THR A 563 -6.88 8.23 -0.84
N ILE A 564 -8.07 8.81 -0.77
CA ILE A 564 -9.31 8.08 -0.96
C ILE A 564 -9.18 7.07 -2.11
N LEU A 565 -8.74 7.54 -3.26
CA LEU A 565 -8.58 6.70 -4.43
C LEU A 565 -7.64 5.54 -4.11
N ASN A 566 -6.41 5.85 -3.74
CA ASN A 566 -5.44 4.82 -3.44
C ASN A 566 -5.97 3.77 -2.46
N TRP A 567 -6.33 4.21 -1.27
CA TRP A 567 -6.84 3.31 -0.24
C TRP A 567 -8.29 2.92 -0.48
N SER A 568 -8.52 2.17 -1.55
CA SER A 568 -9.86 1.76 -1.94
C SER A 568 -9.75 0.92 -3.24
N PHE A 569 -10.62 -0.06 -3.42
CA PHE A 569 -10.56 -0.84 -4.65
C PHE A 569 -11.23 -0.06 -5.79
N VAL A 570 -10.41 0.70 -6.50
CA VAL A 570 -10.86 1.51 -7.62
C VAL A 570 -11.20 0.65 -8.84
N ARG A 571 -12.22 1.06 -9.60
CA ARG A 571 -12.67 0.32 -10.77
C ARG A 571 -11.69 0.19 -11.92
N ASN A 572 -11.64 -1.02 -12.48
CA ASN A 572 -10.74 -1.34 -13.58
C ASN A 572 -11.34 -1.06 -14.95
N ASP A 573 -12.27 -0.12 -15.03
CA ASP A 573 -12.92 0.21 -16.31
C ASP A 573 -12.51 1.58 -16.88
N GLN A 574 -12.07 2.48 -16.02
CA GLN A 574 -11.60 3.80 -16.43
C GLN A 574 -10.32 4.13 -15.69
N PRO A 575 -9.41 4.84 -16.36
CA PRO A 575 -8.13 5.21 -15.75
C PRO A 575 -8.28 5.84 -14.38
N ARG A 576 -7.39 5.46 -13.47
CA ARG A 576 -7.38 5.96 -12.10
C ARG A 576 -7.80 7.42 -11.97
N HIS A 577 -6.95 8.31 -12.46
CA HIS A 577 -7.18 9.77 -12.38
C HIS A 577 -8.60 10.18 -12.69
N GLU A 578 -9.15 9.66 -13.78
CA GLU A 578 -10.50 9.97 -14.20
C GLU A 578 -11.45 9.82 -13.02
N THR A 579 -11.22 8.79 -12.21
CA THR A 579 -12.03 8.53 -11.04
C THR A 579 -11.54 9.48 -9.98
N CYS A 580 -10.23 9.62 -9.92
CA CYS A 580 -9.62 10.48 -8.93
C CYS A 580 -10.25 11.87 -9.04
N TYR A 581 -10.28 12.38 -10.26
CA TYR A 581 -10.86 13.70 -10.49
C TYR A 581 -12.31 13.78 -10.06
N GLN A 582 -13.13 12.82 -10.48
CA GLN A 582 -14.53 12.82 -10.09
C GLN A 582 -14.60 13.03 -8.57
N ILE A 583 -13.72 12.34 -7.84
CA ILE A 583 -13.64 12.45 -6.37
C ILE A 583 -13.17 13.84 -5.98
N ALA A 584 -12.23 14.37 -6.75
CA ALA A 584 -11.67 15.69 -6.48
C ALA A 584 -12.79 16.73 -6.54
N LEU A 585 -13.64 16.59 -7.56
CA LEU A 585 -14.77 17.51 -7.76
C LEU A 585 -15.75 17.40 -6.61
N ALA A 586 -16.05 16.17 -6.21
CA ALA A 586 -16.97 15.97 -5.10
C ALA A 586 -16.51 16.74 -3.87
N ILE A 587 -15.21 16.76 -3.62
CA ILE A 587 -14.63 17.44 -2.47
C ILE A 587 -14.73 18.96 -2.60
N LYS A 588 -14.51 19.45 -3.82
CA LYS A 588 -14.58 20.88 -4.12
C LYS A 588 -15.76 21.53 -3.40
N ASP A 589 -16.79 20.72 -3.11
CA ASP A 589 -18.00 21.17 -2.42
C ASP A 589 -17.74 21.43 -0.94
N GLU A 590 -17.61 20.36 -0.17
CA GLU A 590 -17.35 20.43 1.26
C GLU A 590 -16.31 21.46 1.63
N VAL A 591 -15.53 21.92 0.64
CA VAL A 591 -14.50 22.92 0.89
C VAL A 591 -15.18 24.28 0.81
N GLU A 592 -15.98 24.48 -0.24
CA GLU A 592 -16.70 25.73 -0.46
C GLU A 592 -17.98 25.80 0.37
N ASP A 593 -18.15 24.85 1.27
CA ASP A 593 -19.29 24.79 2.18
C ASP A 593 -18.78 25.01 3.59
N LEU A 594 -17.55 24.59 3.83
CA LEU A 594 -16.95 24.81 5.14
C LEU A 594 -16.52 26.28 5.04
N GLU A 595 -16.56 26.79 3.82
CA GLU A 595 -16.24 28.19 3.56
C GLU A 595 -17.51 28.96 3.84
N LYS A 596 -18.55 28.70 3.05
CA LYS A 596 -19.85 29.35 3.24
C LYS A 596 -20.26 29.14 4.69
N GLY A 597 -20.09 27.91 5.18
CA GLY A 597 -20.44 27.59 6.54
C GLY A 597 -19.79 28.56 7.50
N GLY A 598 -18.63 29.08 7.10
CA GLY A 598 -17.94 30.03 7.94
C GLY A 598 -16.64 29.56 8.53
N ILE A 599 -16.08 28.46 8.01
CA ILE A 599 -14.81 27.98 8.54
C ILE A 599 -13.70 28.66 7.77
N GLY A 600 -12.87 29.41 8.49
CA GLY A 600 -11.77 30.11 7.87
C GLY A 600 -10.73 29.15 7.34
N VAL A 601 -9.85 28.70 8.23
CA VAL A 601 -8.78 27.76 7.88
C VAL A 601 -9.32 26.35 7.62
N ILE A 602 -8.75 25.68 6.62
CA ILE A 602 -9.18 24.33 6.25
C ILE A 602 -8.00 23.47 5.78
N GLN A 603 -7.83 22.33 6.44
CA GLN A 603 -6.77 21.38 6.12
C GLN A 603 -7.25 20.15 5.32
N ILE A 604 -6.70 20.00 4.12
CA ILE A 604 -7.01 18.86 3.28
C ILE A 604 -5.78 17.98 3.41
N ASP A 605 -5.96 16.68 3.63
CA ASP A 605 -4.81 15.79 3.79
C ASP A 605 -4.65 14.70 2.73
N GLU A 606 -3.40 14.49 2.34
CA GLU A 606 -3.02 13.49 1.35
C GLU A 606 -1.95 12.57 1.92
N ALA A 607 -2.42 11.68 2.79
CA ALA A 607 -1.57 10.72 3.45
C ALA A 607 -0.95 9.77 2.45
N ALA A 608 -1.76 9.29 1.49
CA ALA A 608 -1.27 8.35 0.49
C ALA A 608 -1.13 8.98 -0.89
N LEU A 609 -0.18 9.91 -1.01
CA LEU A 609 0.08 10.61 -2.27
C LEU A 609 1.19 9.93 -3.08
N ARG A 610 2.21 9.46 -2.38
CA ARG A 610 3.34 8.81 -3.02
C ARG A 610 3.02 7.32 -3.26
N GLU A 611 2.00 6.84 -2.56
CA GLU A 611 1.56 5.46 -2.62
C GLU A 611 1.20 4.94 -4.00
N GLY A 612 0.52 5.78 -4.77
CA GLY A 612 0.11 5.37 -6.10
C GLY A 612 1.17 5.57 -7.15
N LEU A 613 2.43 5.71 -6.70
CA LEU A 613 3.56 5.92 -7.59
C LEU A 613 3.90 4.67 -8.40
N PRO A 614 3.86 4.79 -9.75
CA PRO A 614 4.16 3.69 -10.68
C PRO A 614 5.59 3.21 -10.50
N LEU A 615 5.80 1.90 -10.67
CA LEU A 615 7.12 1.35 -10.50
C LEU A 615 8.05 1.75 -11.63
N ARG A 616 7.45 2.08 -12.77
CA ARG A 616 8.22 2.49 -13.95
C ARG A 616 8.53 3.97 -13.81
N LYS A 617 9.82 4.29 -13.78
CA LYS A 617 10.24 5.67 -13.62
C LYS A 617 9.66 6.68 -14.62
N SER A 618 9.67 6.34 -15.90
CA SER A 618 9.13 7.25 -16.91
C SER A 618 7.63 7.48 -16.74
N GLU A 619 7.08 6.93 -15.65
CA GLU A 619 5.65 7.07 -15.37
C GLU A 619 5.31 7.87 -14.13
N HIS A 620 6.31 8.15 -13.32
CA HIS A 620 6.10 8.93 -12.12
C HIS A 620 5.47 10.26 -12.50
N ALA A 621 6.02 10.87 -13.55
CA ALA A 621 5.55 12.16 -14.05
C ALA A 621 4.03 12.26 -14.19
N PHE A 622 3.47 11.34 -14.96
CA PHE A 622 2.03 11.28 -15.23
C PHE A 622 1.18 11.12 -13.96
N TYR A 623 1.65 10.31 -13.01
CA TYR A 623 0.93 10.07 -11.76
C TYR A 623 0.85 11.34 -10.92
N LEU A 624 2.03 11.85 -10.55
CA LEU A 624 2.14 13.05 -9.75
C LEU A 624 1.38 14.22 -10.36
N ASP A 625 1.16 14.12 -11.68
CA ASP A 625 0.43 15.10 -12.46
C ASP A 625 -1.01 15.15 -12.02
N TRP A 626 -1.84 14.20 -12.47
CA TRP A 626 -3.23 14.18 -12.08
C TRP A 626 -3.39 14.14 -10.57
N ALA A 627 -2.42 13.55 -9.89
CA ALA A 627 -2.45 13.47 -8.45
C ALA A 627 -2.53 14.87 -7.85
N VAL A 628 -1.45 15.65 -7.96
CA VAL A 628 -1.40 17.00 -7.42
C VAL A 628 -2.44 17.98 -7.99
N HIS A 629 -2.84 17.76 -9.24
CA HIS A 629 -3.86 18.58 -9.89
C HIS A 629 -5.21 18.36 -9.18
N SER A 630 -5.58 17.10 -8.96
CA SER A 630 -6.84 16.78 -8.29
C SER A 630 -6.98 17.46 -6.92
N PHE A 631 -5.83 17.79 -6.32
CA PHE A 631 -5.79 18.46 -5.03
C PHE A 631 -6.20 19.91 -5.22
N ARG A 632 -5.64 20.53 -6.25
CA ARG A 632 -5.95 21.91 -6.59
C ARG A 632 -7.45 21.94 -6.83
N ILE A 633 -7.92 21.11 -7.77
CA ILE A 633 -9.34 21.03 -8.10
C ILE A 633 -10.23 21.05 -6.87
N THR A 634 -9.67 20.76 -5.71
CA THR A 634 -10.46 20.77 -4.49
C THR A 634 -10.65 22.17 -3.93
N ASN A 635 -9.59 22.96 -3.91
CA ASN A 635 -9.66 24.32 -3.38
C ASN A 635 -9.35 25.42 -4.39
N CYS A 636 -9.72 25.23 -5.65
CA CYS A 636 -9.45 26.25 -6.67
C CYS A 636 -10.57 27.28 -6.75
N GLY A 637 -11.66 27.03 -6.03
CA GLY A 637 -12.77 27.96 -6.02
C GLY A 637 -12.94 28.60 -4.65
N VAL A 638 -11.87 28.55 -3.85
CA VAL A 638 -11.86 29.09 -2.49
C VAL A 638 -11.39 30.56 -2.49
N GLN A 639 -11.75 31.31 -1.44
CA GLN A 639 -11.37 32.70 -1.36
C GLN A 639 -9.88 32.97 -1.27
N ASP A 640 -9.53 34.20 -0.95
CA ASP A 640 -8.13 34.59 -0.83
C ASP A 640 -7.81 34.74 0.65
N SER A 641 -8.87 34.81 1.45
CA SER A 641 -8.76 34.94 2.89
C SER A 641 -8.92 33.58 3.57
N THR A 642 -9.41 32.61 2.79
CA THR A 642 -9.61 31.25 3.28
C THR A 642 -8.28 30.50 3.19
N GLN A 643 -7.70 30.20 4.34
CA GLN A 643 -6.41 29.51 4.36
C GLN A 643 -6.50 27.99 4.22
N ILE A 644 -5.60 27.42 3.43
CA ILE A 644 -5.59 25.98 3.19
C ILE A 644 -4.31 25.26 3.63
N HIS A 645 -4.51 24.15 4.32
CA HIS A 645 -3.43 23.32 4.81
C HIS A 645 -3.54 21.96 4.17
N THR A 646 -2.41 21.39 3.73
CA THR A 646 -2.48 20.05 3.18
C THR A 646 -1.66 19.20 4.12
N HIS A 647 -2.04 17.95 4.28
CA HIS A 647 -1.31 17.08 5.18
C HIS A 647 -0.89 15.71 4.63
N MSE A 648 0.42 15.52 4.45
CA MSE A 648 0.96 14.27 3.91
C MSE A 648 1.86 13.56 4.93
O MSE A 648 2.64 14.21 5.62
CB MSE A 648 1.74 14.55 2.64
CG MSE A 648 0.97 15.39 1.65
SE MSE A 648 2.07 15.93 0.22
CE MSE A 648 3.18 17.18 1.17
N CYS A 649 1.76 12.24 4.98
CA CYS A 649 2.55 11.45 5.94
C CYS A 649 3.89 10.98 5.38
N TYR A 650 4.79 11.92 5.13
CA TYR A 650 6.12 11.59 4.59
C TYR A 650 7.25 12.45 5.17
N SER A 651 8.42 11.84 5.30
CA SER A 651 9.61 12.51 5.83
C SER A 651 10.54 12.79 4.66
N HIS A 652 10.13 12.34 3.48
CA HIS A 652 10.93 12.53 2.27
C HIS A 652 10.12 13.08 1.11
N PHE A 653 10.61 14.19 0.57
CA PHE A 653 9.98 14.83 -0.57
C PHE A 653 11.11 15.30 -1.44
N ASN A 654 12.33 14.95 -1.05
CA ASN A 654 13.51 15.32 -1.82
C ASN A 654 13.30 14.98 -3.29
N ASP A 655 12.79 13.78 -3.54
CA ASP A 655 12.54 13.30 -4.89
C ASP A 655 11.14 13.64 -5.41
N ILE A 656 10.46 14.57 -4.73
CA ILE A 656 9.11 14.95 -5.11
C ILE A 656 8.79 16.30 -4.47
N ILE A 657 9.80 17.15 -4.36
CA ILE A 657 9.63 18.46 -3.73
C ILE A 657 8.87 19.41 -4.63
N HIS A 658 9.09 19.28 -5.93
CA HIS A 658 8.44 20.13 -6.91
C HIS A 658 6.93 19.98 -6.86
N SER A 659 6.47 18.73 -6.82
CA SER A 659 5.04 18.45 -6.79
C SER A 659 4.38 19.08 -5.58
N ILE A 660 5.13 19.19 -4.48
CA ILE A 660 4.61 19.81 -3.26
C ILE A 660 4.42 21.30 -3.52
N ILE A 661 5.32 21.85 -4.33
CA ILE A 661 5.31 23.27 -4.70
C ILE A 661 4.16 23.59 -5.66
N ASP A 662 3.65 22.57 -6.34
CA ASP A 662 2.55 22.72 -7.30
C ASP A 662 1.16 22.45 -6.73
N MSE A 663 1.11 22.02 -5.48
CA MSE A 663 -0.16 21.75 -4.83
C MSE A 663 -0.80 23.09 -4.47
O MSE A 663 -2.02 23.20 -4.33
CB MSE A 663 0.05 20.91 -3.57
CG MSE A 663 0.70 19.54 -3.84
SE MSE A 663 0.78 18.42 -2.27
CE MSE A 663 -0.88 17.47 -2.53
N ASP A 664 0.07 24.10 -4.37
CA ASP A 664 -0.33 25.47 -4.05
C ASP A 664 -1.04 25.58 -2.69
N ALA A 665 -0.41 25.03 -1.66
CA ALA A 665 -0.97 25.06 -0.32
C ALA A 665 -0.46 26.31 0.35
N ASP A 666 -1.32 26.97 1.13
CA ASP A 666 -0.92 28.18 1.81
C ASP A 666 -0.01 27.77 2.95
N VAL A 667 -0.34 26.64 3.58
CA VAL A 667 0.48 26.11 4.65
C VAL A 667 0.41 24.59 4.62
N ILE A 668 1.48 23.97 4.13
CA ILE A 668 1.55 22.52 4.06
C ILE A 668 2.19 21.94 5.31
N THR A 669 1.53 20.94 5.88
CA THR A 669 2.00 20.25 7.07
C THR A 669 2.35 18.82 6.69
N ILE A 670 3.61 18.45 6.86
CA ILE A 670 4.04 17.10 6.52
C ILE A 670 4.54 16.36 7.74
N GLU A 671 5.49 15.47 7.55
CA GLU A 671 6.03 14.68 8.66
C GLU A 671 7.45 15.15 8.99
N ASN A 672 8.11 14.40 9.87
CA ASN A 672 9.49 14.68 10.26
C ASN A 672 9.81 13.91 11.54
N SER A 673 9.76 14.60 12.68
CA SER A 673 10.00 14.00 14.00
C SER A 673 11.36 13.31 14.23
N ARG A 674 11.75 12.41 13.32
CA ARG A 674 13.01 11.68 13.44
C ARG A 674 13.96 11.88 12.25
N SER A 675 13.87 13.04 11.61
CA SER A 675 14.72 13.37 10.46
C SER A 675 15.66 14.55 10.74
N ASP A 676 16.31 15.03 9.67
CA ASP A 676 17.23 16.15 9.78
C ASP A 676 16.51 17.49 9.82
N GLU A 677 17.23 18.52 10.22
CA GLU A 677 16.68 19.88 10.28
C GLU A 677 17.18 20.54 9.00
N LYS A 678 18.16 19.89 8.37
CA LYS A 678 18.78 20.40 7.15
C LYS A 678 18.04 19.95 5.89
N LEU A 679 17.45 18.75 5.94
CA LEU A 679 16.71 18.22 4.78
C LEU A 679 15.72 19.27 4.30
N LEU A 680 15.23 20.08 5.24
CA LEU A 680 14.25 21.11 4.96
C LEU A 680 14.69 22.16 3.95
N SER A 681 15.99 22.19 3.63
CA SER A 681 16.50 23.14 2.65
C SER A 681 16.16 22.68 1.24
N VAL A 682 15.36 21.61 1.13
CA VAL A 682 14.95 21.12 -0.18
C VAL A 682 13.84 22.06 -0.62
N PHE A 683 13.56 23.04 0.23
CA PHE A 683 12.56 24.07 -0.01
C PHE A 683 13.32 25.37 -0.30
N ARG A 684 14.25 25.70 0.59
CA ARG A 684 15.05 26.90 0.48
C ARG A 684 16.22 26.78 -0.51
N GLU A 685 16.11 25.86 -1.47
CA GLU A 685 17.19 25.66 -2.44
C GLU A 685 16.72 25.38 -3.84
N GLY A 686 17.13 26.23 -4.77
CA GLY A 686 16.75 26.05 -6.16
C GLY A 686 15.27 25.79 -6.31
N VAL A 687 14.56 25.94 -5.19
CA VAL A 687 13.14 25.73 -5.18
C VAL A 687 12.45 27.00 -4.72
N LYS A 688 12.79 27.45 -3.52
CA LYS A 688 12.18 28.68 -3.00
C LYS A 688 10.67 28.46 -2.87
N TYR A 689 10.26 27.67 -1.89
CA TYR A 689 8.85 27.38 -1.67
C TYR A 689 8.03 28.66 -1.45
N GLY A 690 8.30 29.36 -0.36
CA GLY A 690 7.59 30.59 -0.08
C GLY A 690 6.12 30.32 0.20
N ALA A 691 5.84 29.71 1.35
CA ALA A 691 4.48 29.40 1.76
C ALA A 691 4.50 28.62 3.08
N GLY A 692 3.54 28.94 3.95
CA GLY A 692 3.45 28.26 5.24
C GLY A 692 3.83 26.79 5.22
N ILE A 693 4.92 26.47 5.88
CA ILE A 693 5.36 25.08 5.94
C ILE A 693 5.41 24.67 7.40
N GLY A 694 5.00 23.44 7.68
CA GLY A 694 5.01 22.98 9.06
C GLY A 694 5.34 21.53 9.27
N PRO A 695 6.63 21.17 9.40
CA PRO A 695 7.07 19.79 9.63
C PRO A 695 6.97 19.45 11.12
N GLY A 696 6.49 18.25 11.42
CA GLY A 696 6.29 17.79 12.79
C GLY A 696 7.38 17.81 13.84
N VAL A 697 7.03 18.26 15.03
CA VAL A 697 7.97 18.34 16.15
C VAL A 697 7.39 17.65 17.39
N TYR A 698 7.15 16.35 17.25
CA TYR A 698 6.61 15.47 18.29
C TYR A 698 6.22 14.16 17.61
N ASP A 699 6.83 13.06 18.05
CA ASP A 699 6.55 11.73 17.50
C ASP A 699 5.32 11.11 18.13
N ILE A 700 4.24 10.94 17.36
CA ILE A 700 3.02 10.35 17.92
C ILE A 700 2.94 8.82 17.86
N HIS A 701 3.97 8.18 17.32
CA HIS A 701 4.01 6.71 17.27
C HIS A 701 4.89 6.26 18.43
N SER A 702 5.45 7.26 19.10
CA SER A 702 6.30 7.06 20.27
C SER A 702 5.46 7.53 21.45
N PRO A 703 4.80 6.58 22.15
CA PRO A 703 3.98 7.01 23.29
C PRO A 703 4.63 8.13 24.11
N ARG A 704 5.90 7.91 24.44
CA ARG A 704 6.70 8.83 25.24
C ARG A 704 6.65 10.30 24.91
N ILE A 705 6.42 11.09 25.97
CA ILE A 705 6.31 12.54 25.92
C ILE A 705 7.65 13.18 25.54
N PRO A 706 7.60 14.32 24.80
CA PRO A 706 8.83 15.03 24.40
C PRO A 706 9.11 16.13 25.44
N SER A 707 10.06 17.01 25.17
CA SER A 707 10.37 18.07 26.13
C SER A 707 10.22 19.48 25.55
N SER A 708 9.83 20.43 26.39
CA SER A 708 9.67 21.82 25.97
C SER A 708 11.00 22.26 25.39
N GLU A 709 12.07 21.79 26.02
CA GLU A 709 13.44 22.10 25.61
C GLU A 709 13.81 21.39 24.31
N GLU A 710 13.39 20.13 24.17
CA GLU A 710 13.69 19.32 22.98
C GLU A 710 13.04 19.91 21.71
N ILE A 711 11.79 20.35 21.85
CA ILE A 711 11.02 20.94 20.75
C ILE A 711 11.54 22.30 20.27
N ALA A 712 11.55 23.29 21.17
CA ALA A 712 12.00 24.66 20.86
C ALA A 712 13.42 24.83 20.35
N ASP A 713 14.18 23.74 20.26
CA ASP A 713 15.55 23.80 19.77
C ASP A 713 15.56 23.34 18.31
N ARG A 714 14.83 22.27 18.03
CA ARG A 714 14.71 21.75 16.67
C ARG A 714 13.79 22.72 15.98
N VAL A 715 12.88 23.29 16.78
CA VAL A 715 11.91 24.28 16.31
C VAL A 715 12.69 25.59 16.12
N ASN A 716 14.00 25.52 16.38
CA ASN A 716 14.91 26.64 16.21
C ASN A 716 15.81 26.24 15.03
N LYS A 717 15.97 24.92 14.85
CA LYS A 717 16.77 24.35 13.77
C LYS A 717 15.95 24.33 12.49
N MSE A 718 14.78 24.95 12.55
CA MSE A 718 13.87 25.07 11.42
C MSE A 718 13.87 26.56 11.08
O MSE A 718 13.86 26.96 9.92
CB MSE A 718 12.45 24.61 11.79
CG MSE A 718 12.16 23.17 11.41
SE MSE A 718 10.58 22.43 12.26
CE MSE A 718 9.22 23.45 11.34
N LEU A 719 13.90 27.37 12.14
CA LEU A 719 13.94 28.82 11.99
C LEU A 719 15.23 29.19 11.24
N ALA A 720 16.23 28.32 11.37
CA ALA A 720 17.52 28.55 10.74
C ALA A 720 17.85 27.66 9.54
N VAL A 721 16.87 26.89 9.07
CA VAL A 721 17.06 26.00 7.90
C VAL A 721 15.96 26.26 6.88
N LEU A 722 14.89 26.88 7.38
CA LEU A 722 13.73 27.26 6.59
C LEU A 722 13.70 28.77 6.64
N GLU A 723 12.50 29.34 6.63
CA GLU A 723 12.38 30.79 6.71
C GLU A 723 11.31 31.16 7.73
N GLN A 724 11.62 30.93 9.00
CA GLN A 724 10.72 31.26 10.11
C GLN A 724 10.09 32.61 9.74
N ASN A 725 8.88 32.53 9.22
CA ASN A 725 8.13 33.70 8.74
C ASN A 725 7.02 33.07 7.91
N ILE A 726 6.98 31.74 8.00
CA ILE A 726 6.03 30.88 7.32
C ILE A 726 6.18 29.53 8.00
N LEU A 727 6.64 29.57 9.25
CA LEU A 727 6.87 28.35 10.00
C LEU A 727 5.75 28.03 10.99
N TRP A 728 5.29 26.77 10.94
CA TRP A 728 4.22 26.30 11.81
C TRP A 728 4.67 25.27 12.85
N VAL A 729 3.90 25.18 13.93
CA VAL A 729 4.19 24.27 15.05
C VAL A 729 3.07 23.25 15.22
N ASN A 730 3.22 22.08 14.60
CA ASN A 730 2.21 21.02 14.68
C ASN A 730 2.84 19.65 15.02
N PRO A 731 2.01 18.66 15.43
CA PRO A 731 2.46 17.31 15.80
C PRO A 731 3.26 16.60 14.69
N ASP A 732 2.99 15.32 14.50
CA ASP A 732 3.65 14.51 13.48
C ASP A 732 2.53 13.97 12.59
N CYS A 733 1.37 13.76 13.22
CA CYS A 733 0.14 13.27 12.60
C CYS A 733 -0.94 13.17 13.68
N GLY A 734 -2.16 12.85 13.27
CA GLY A 734 -3.26 12.74 14.22
C GLY A 734 -2.88 12.08 15.54
N LEU A 735 -3.51 12.51 16.62
CA LEU A 735 -3.22 11.98 17.96
C LEU A 735 -4.13 10.81 18.31
N LYS A 736 -4.83 10.27 17.31
CA LYS A 736 -5.78 9.18 17.50
C LYS A 736 -5.28 7.95 18.23
N THR A 737 -4.01 7.60 18.03
CA THR A 737 -3.42 6.40 18.65
C THR A 737 -2.47 6.64 19.84
N ARG A 738 -2.65 7.77 20.52
CA ARG A 738 -1.84 8.12 21.68
C ARG A 738 -2.85 8.27 22.82
N LYS A 739 -2.43 8.05 24.07
CA LYS A 739 -3.38 8.19 25.16
C LYS A 739 -3.41 9.66 25.56
N TYR A 740 -4.50 10.08 26.22
CA TYR A 740 -4.61 11.46 26.65
C TYR A 740 -3.46 11.86 27.58
N THR A 741 -3.00 10.92 28.39
CA THR A 741 -1.91 11.17 29.32
C THR A 741 -0.57 11.33 28.59
N GLU A 742 -0.47 10.72 27.41
CA GLU A 742 0.74 10.76 26.57
C GLU A 742 0.77 11.99 25.68
N VAL A 743 -0.40 12.61 25.48
CA VAL A 743 -0.52 13.80 24.63
C VAL A 743 -0.73 15.10 25.39
N LYS A 744 -1.41 15.04 26.53
CA LYS A 744 -1.66 16.26 27.29
C LYS A 744 -0.37 16.97 27.67
N PRO A 745 0.53 16.29 28.41
CA PRO A 745 1.78 16.96 28.76
C PRO A 745 2.58 17.26 27.49
N ALA A 746 2.47 16.35 26.54
CA ALA A 746 3.16 16.44 25.26
C ALA A 746 2.90 17.71 24.47
N LEU A 747 1.64 17.90 24.04
CA LEU A 747 1.27 19.09 23.25
C LEU A 747 1.67 20.36 24.00
N LYS A 748 1.29 20.41 25.28
CA LYS A 748 1.59 21.54 26.14
C LYS A 748 3.02 22.05 25.96
N ASN A 749 3.97 21.12 25.85
CA ASN A 749 5.37 21.47 25.69
C ASN A 749 5.72 21.96 24.29
N MSE A 750 4.84 21.70 23.32
CA MSE A 750 5.06 22.13 21.94
C MSE A 750 4.66 23.60 21.71
O MSE A 750 5.00 24.21 20.70
CB MSE A 750 4.25 21.23 20.97
CG MSE A 750 4.30 21.68 19.50
SE MSE A 750 3.17 20.73 18.25
CE MSE A 750 1.54 21.78 18.43
N VAL A 751 3.92 24.14 22.66
CA VAL A 751 3.46 25.51 22.57
C VAL A 751 4.44 26.44 23.29
N ASP A 752 4.91 26.01 24.46
CA ASP A 752 5.84 26.77 25.28
C ASP A 752 7.04 27.13 24.44
N ALA A 753 7.42 26.18 23.58
CA ALA A 753 8.53 26.33 22.67
C ALA A 753 8.35 27.58 21.82
N ALA A 754 7.27 27.63 21.04
CA ALA A 754 6.97 28.78 20.18
C ALA A 754 7.06 30.04 21.02
N LYS A 755 6.34 30.03 22.14
CA LYS A 755 6.30 31.15 23.07
C LYS A 755 7.71 31.72 23.26
N LEU A 756 8.57 30.97 23.94
CA LEU A 756 9.94 31.39 24.19
C LEU A 756 10.61 31.87 22.91
N ILE A 757 10.80 30.96 21.98
CA ILE A 757 11.45 31.26 20.70
C ILE A 757 10.96 32.62 20.17
N ARG A 758 9.64 32.84 20.24
CA ARG A 758 9.02 34.10 19.80
C ARG A 758 9.54 35.25 20.63
N SER A 759 9.43 35.07 21.95
CA SER A 759 9.86 36.04 22.94
C SER A 759 11.02 36.90 22.49
N GLN A 760 12.13 36.27 22.11
CA GLN A 760 13.29 37.03 21.66
C GLN A 760 12.86 37.90 20.47
ZN ZN B . 0.11 12.06 8.78
ZN ZN C . 5.35 21.81 -12.00
S SO4 D . 22.47 -5.77 14.86
O1 SO4 D . 23.73 -6.02 15.58
O2 SO4 D . 22.76 -5.21 13.53
O3 SO4 D . 21.73 -7.05 14.72
O4 SO4 D . 21.66 -4.81 15.63
S SO4 E . 9.08 8.74 3.34
O1 SO4 E . 8.51 8.42 4.67
O2 SO4 E . 10.55 8.84 3.44
O3 SO4 E . 8.74 7.68 2.37
O4 SO4 E . 8.53 10.02 2.84
S SO4 F . 2.51 -30.91 -11.41
O1 SO4 F . 3.83 -30.84 -10.74
O2 SO4 F . 2.71 -30.76 -12.86
O3 SO4 F . 1.87 -32.20 -11.14
O4 SO4 F . 1.66 -29.82 -10.90
S SO4 G . -3.83 5.71 -14.95
O1 SO4 G . -4.98 4.78 -15.06
O2 SO4 G . -3.13 5.76 -16.24
O3 SO4 G . -4.30 7.06 -14.59
O4 SO4 G . -2.89 5.26 -13.91
N HCS H . -5.52 14.06 10.08
CA HCS H . -6.08 12.72 9.77
CB HCS H . -5.43 12.14 8.51
CG HCS H . -3.93 11.85 8.63
SD HCS H . -3.54 10.12 8.20
C HCS H . -5.87 11.76 10.96
OXT HCS H . -6.27 10.58 10.83
O HCS H . -5.31 12.22 11.97
N3 THG I . -7.93 4.06 5.74
C2 THG I . -8.26 3.20 4.73
N1 THG I . -7.31 2.35 4.26
C8A THG I . -6.04 2.33 4.79
C4A THG I . -5.66 3.21 5.85
C4 THG I . -6.67 4.08 6.31
N8 THG I . -5.06 1.43 4.28
C7 THG I . -3.69 1.33 4.78
C6 THG I . -3.32 2.20 5.84
N5 THG I . -4.35 3.21 6.43
C9 THG I . -1.90 1.94 6.23
N10 THG I . -1.67 0.54 6.82
C4' THG I . -2.29 -0.04 7.92
C3' THG I . -3.29 0.60 8.73
C2' THG I . -3.88 -0.07 9.83
C1' THG I . -3.48 -1.39 10.16
C6' THG I . -2.48 -2.03 9.37
C5' THG I . -1.88 -1.36 8.26
C11 THG I . -4.14 -2.11 11.36
N THG I . -5.25 -2.83 11.04
CA THG I . -6.10 -3.59 11.99
C THG I . -5.95 -5.12 11.79
OX2 THG I . -5.36 -5.73 12.71
OX1 THG I . -6.43 -5.63 10.75
CB THG I . -7.58 -3.18 11.89
CG THG I . -7.74 -1.67 12.07
CD THG I . -9.19 -1.24 11.97
OE1 THG I . -9.91 -1.45 12.98
OE2 THG I . -9.56 -0.68 10.89
O11 THG I . -3.67 -1.99 12.51
O4 THG I . -6.39 4.97 7.32
N2 THG I . -9.50 3.18 4.19
#